data_4UC9
#
_entry.id   4UC9
#
_cell.length_a   72.510
_cell.length_b   72.510
_cell.length_c   383.380
_cell.angle_alpha   90.00
_cell.angle_beta   90.00
_cell.angle_gamma   90.00
#
_symmetry.space_group_name_H-M   'P 43 21 2'
#
loop_
_entity.id
_entity.type
_entity.pdbx_description
1 polymer NUCLEOPROTEIN
2 non-polymer 'SULFATE ION'
3 non-polymer 'ASPARTIC ACID'
4 non-polymer PHENYLALANINE
5 water water
#
_entity_poly.entity_id   1
_entity_poly.type   'polypeptide(L)'
_entity_poly.pdbx_seq_one_letter_code
;MGSDSIDTPNYDVQKHINKLCGMLLITEDANHKFTGLIGMLYAMSRLGREDTIKILRDAGYHVKANGVDVTTHRQDINGK
EMKFEVLTLASLTTEIQINIEIESRKSYKKMLKEMGEVAPEYRHDSPDCGMIILCIAALVITKLAAGDRSGLTAVIRRAN
NVLKNEMKRYKGLLPKDIANSFYEVFEKHPHFIDVFVHFGIAQSSTRGGSRVEGIFAGLFMNAYGLEHHHHHH
;
_entity_poly.pdbx_strand_id   A,B,C,D
#
loop_
_chem_comp.id
_chem_comp.type
_chem_comp.name
_chem_comp.formula
SO4 non-polymer 'SULFATE ION' 'O4 S -2'
#
# COMPACT_ATOMS: atom_id res chain seq x y z
N SER A 5 14.35 38.38 -5.11
CA SER A 5 14.85 37.72 -3.90
C SER A 5 13.95 36.54 -3.49
N ILE A 6 14.54 35.34 -3.33
CA ILE A 6 13.80 34.13 -2.93
C ILE A 6 14.07 33.77 -1.46
N ASP A 7 13.02 33.38 -0.74
CA ASP A 7 13.13 32.93 0.64
C ASP A 7 13.65 31.51 0.61
N THR A 8 14.74 31.27 1.34
CA THR A 8 15.37 29.95 1.40
C THR A 8 15.43 29.48 2.87
N PRO A 9 14.32 28.90 3.39
CA PRO A 9 14.33 28.41 4.79
C PRO A 9 15.26 27.22 5.00
N ASN A 10 15.90 27.15 6.16
CA ASN A 10 16.82 26.06 6.49
C ASN A 10 16.10 25.11 7.44
N TYR A 11 16.78 24.02 7.86
CA TYR A 11 16.22 23.00 8.73
C TYR A 11 15.70 23.53 10.05
N ASP A 12 16.26 24.65 10.55
CA ASP A 12 15.92 25.24 11.85
C ASP A 12 14.52 25.86 11.94
N VAL A 13 13.87 26.14 10.79
CA VAL A 13 12.53 26.74 10.76
C VAL A 13 11.46 25.72 10.28
N GLN A 14 11.84 24.45 10.10
CA GLN A 14 10.99 23.35 9.66
C GLN A 14 9.79 23.12 10.60
N LYS A 15 10.06 23.00 11.91
CA LYS A 15 9.04 22.82 12.96
C LYS A 15 8.04 23.98 12.98
N HIS A 16 8.51 25.23 12.73
CA HIS A 16 7.70 26.45 12.67
C HIS A 16 6.74 26.41 11.48
N ILE A 17 7.27 26.09 10.26
CA ILE A 17 6.45 26.02 9.03
C ILE A 17 5.38 24.93 9.16
N ASN A 18 5.76 23.79 9.80
CA ASN A 18 4.84 22.68 10.04
C ASN A 18 3.61 23.14 10.85
N LYS A 19 3.84 23.88 11.96
CA LYS A 19 2.80 24.45 12.82
C LYS A 19 1.94 25.49 12.09
N LEU A 20 2.54 26.24 11.13
CA LEU A 20 1.88 27.23 10.28
C LEU A 20 0.84 26.56 9.35
N CYS A 21 1.22 25.39 8.75
CA CYS A 21 0.39 24.54 7.90
C CYS A 21 -0.81 24.03 8.71
N GLY A 22 -0.53 23.48 9.90
CA GLY A 22 -1.52 22.97 10.84
C GLY A 22 -2.43 24.05 11.39
N MET A 23 -1.94 25.31 11.49
CA MET A 23 -2.80 26.39 11.94
C MET A 23 -3.90 26.60 10.92
N LEU A 24 -3.53 26.58 9.61
CA LEU A 24 -4.45 26.69 8.48
C LEU A 24 -5.43 25.51 8.40
N LEU A 25 -4.92 24.30 8.71
CA LEU A 25 -5.69 23.07 8.71
C LEU A 25 -6.76 23.03 9.80
N ILE A 26 -6.54 23.68 10.96
CA ILE A 26 -7.56 23.70 12.03
C ILE A 26 -8.60 24.80 11.81
N THR A 27 -8.32 25.79 10.92
CA THR A 27 -9.24 26.92 10.63
C THR A 27 -10.43 26.55 9.74
N GLU A 28 -11.63 26.67 10.27
CA GLU A 28 -12.85 26.40 9.52
C GLU A 28 -13.08 27.52 8.50
N ASP A 29 -13.36 27.14 7.23
CA ASP A 29 -13.57 28.04 6.09
C ASP A 29 -12.32 28.94 5.87
N ALA A 30 -11.13 28.30 6.03
CA ALA A 30 -9.79 28.87 5.93
C ALA A 30 -9.52 29.49 4.59
N ASN A 31 -8.92 30.68 4.62
CA ASN A 31 -8.48 31.40 3.43
C ASN A 31 -7.15 30.76 3.03
N HIS A 32 -7.17 29.94 1.96
CA HIS A 32 -6.00 29.22 1.50
C HIS A 32 -5.18 29.96 0.42
N LYS A 33 -5.25 31.31 0.39
CA LYS A 33 -4.56 32.18 -0.56
C LYS A 33 -3.04 31.95 -0.56
N PHE A 34 -2.44 31.73 0.63
CA PHE A 34 -1.01 31.55 0.82
C PHE A 34 -0.53 30.09 1.07
N THR A 35 -1.44 29.11 1.05
CA THR A 35 -1.16 27.69 1.34
C THR A 35 -0.13 27.08 0.34
N GLY A 36 -0.20 27.49 -0.93
CA GLY A 36 0.72 27.04 -1.97
C GLY A 36 2.15 27.41 -1.66
N LEU A 37 2.34 28.68 -1.23
CA LEU A 37 3.60 29.28 -0.85
C LEU A 37 4.13 28.61 0.43
N ILE A 38 3.28 28.52 1.48
CA ILE A 38 3.63 27.92 2.78
C ILE A 38 4.04 26.44 2.60
N GLY A 39 3.32 25.72 1.73
CA GLY A 39 3.61 24.33 1.39
C GLY A 39 4.98 24.21 0.73
N MET A 40 5.28 25.14 -0.19
CA MET A 40 6.56 25.21 -0.91
C MET A 40 7.73 25.60 -0.02
N LEU A 41 7.46 26.46 0.99
CA LEU A 41 8.41 26.87 2.02
C LEU A 41 8.76 25.66 2.92
N TYR A 42 7.75 24.80 3.22
CA TYR A 42 7.94 23.58 4.03
C TYR A 42 8.91 22.61 3.33
N ALA A 43 8.62 22.25 2.06
CA ALA A 43 9.49 21.36 1.26
C ALA A 43 10.93 21.89 1.24
N MET A 44 11.11 23.25 1.12
CA MET A 44 12.41 23.94 1.11
C MET A 44 13.20 23.78 2.42
N SER A 45 12.53 23.89 3.60
CA SER A 45 13.12 23.68 4.94
C SER A 45 13.47 22.19 5.18
N ARG A 46 12.84 21.28 4.40
CA ARG A 46 13.14 19.85 4.45
C ARG A 46 14.37 19.57 3.62
N LEU A 47 14.55 20.28 2.50
CA LEU A 47 15.74 20.20 1.63
C LEU A 47 16.92 20.93 2.24
N GLY A 48 16.63 22.00 2.95
CA GLY A 48 17.64 22.88 3.55
C GLY A 48 18.07 23.97 2.58
N ARG A 49 18.68 25.04 3.12
CA ARG A 49 19.14 26.20 2.34
C ARG A 49 20.14 25.86 1.24
N GLU A 50 21.22 25.13 1.57
CA GLU A 50 22.28 24.78 0.60
C GLU A 50 21.79 23.97 -0.60
N ASP A 51 20.94 22.94 -0.37
CA ASP A 51 20.39 22.12 -1.44
C ASP A 51 19.43 22.90 -2.34
N THR A 52 18.54 23.74 -1.75
CA THR A 52 17.58 24.60 -2.46
C THR A 52 18.30 25.54 -3.43
N ILE A 53 19.35 26.21 -2.94
CA ILE A 53 20.19 27.11 -3.75
C ILE A 53 20.82 26.32 -4.91
N LYS A 54 21.47 25.18 -4.60
CA LYS A 54 22.09 24.32 -5.61
C LYS A 54 21.08 23.88 -6.68
N ILE A 55 19.87 23.38 -6.27
CA ILE A 55 18.74 22.97 -7.14
C ILE A 55 18.40 24.11 -8.13
N LEU A 56 18.12 25.33 -7.61
CA LEU A 56 17.76 26.54 -8.39
C LEU A 56 18.85 27.04 -9.34
N ARG A 57 20.10 27.19 -8.85
CA ARG A 57 21.24 27.64 -9.66
C ARG A 57 21.50 26.66 -10.82
N ASP A 58 21.53 25.35 -10.54
CA ASP A 58 21.75 24.28 -11.51
C ASP A 58 20.67 24.22 -12.58
N ALA A 59 19.41 24.60 -12.22
CA ALA A 59 18.27 24.64 -13.13
C ALA A 59 18.21 25.98 -13.91
N GLY A 60 19.28 26.76 -13.81
CA GLY A 60 19.44 28.03 -14.53
C GLY A 60 18.69 29.23 -14.01
N TYR A 61 18.23 29.22 -12.75
CA TYR A 61 17.52 30.37 -12.18
C TYR A 61 18.50 31.28 -11.46
N HIS A 62 18.37 32.60 -11.63
CA HIS A 62 19.23 33.58 -10.93
C HIS A 62 18.52 33.89 -9.63
N VAL A 63 19.04 33.34 -8.52
CA VAL A 63 18.37 33.47 -7.22
C VAL A 63 19.22 34.17 -6.18
N LYS A 64 18.58 35.21 -5.59
CA LYS A 64 19.09 36.05 -4.53
C LYS A 64 18.52 35.44 -3.24
N ALA A 65 19.36 34.70 -2.49
CA ALA A 65 18.95 34.02 -1.26
C ALA A 65 18.67 34.95 -0.09
N ASN A 66 17.51 34.76 0.56
CA ASN A 66 17.11 35.50 1.72
C ASN A 66 16.97 34.53 2.90
N GLY A 67 17.75 34.81 3.96
CA GLY A 67 17.74 34.03 5.19
C GLY A 67 16.44 34.19 5.95
N VAL A 68 15.88 33.05 6.41
CA VAL A 68 14.63 32.97 7.16
C VAL A 68 14.96 32.74 8.63
N ASP A 69 14.64 33.76 9.45
CA ASP A 69 14.90 33.76 10.89
C ASP A 69 13.61 33.87 11.68
N VAL A 70 13.65 33.43 12.95
CA VAL A 70 12.50 33.48 13.84
C VAL A 70 12.59 34.80 14.58
N THR A 71 11.50 35.59 14.47
CA THR A 71 11.33 36.90 15.12
C THR A 71 10.16 36.82 16.09
N THR A 72 10.24 37.59 17.17
CA THR A 72 9.16 37.73 18.14
C THR A 72 8.51 39.10 17.91
N HIS A 73 7.18 39.10 17.67
CA HIS A 73 6.39 40.32 17.44
C HIS A 73 5.36 40.44 18.55
N ARG A 74 5.24 41.65 19.09
CA ARG A 74 4.30 41.98 20.14
C ARG A 74 3.25 42.95 19.62
N GLN A 75 1.97 42.66 19.91
CA GLN A 75 0.84 43.52 19.54
C GLN A 75 -0.32 43.33 20.48
N ASP A 76 -0.97 44.44 20.87
CA ASP A 76 -2.12 44.43 21.78
C ASP A 76 -3.34 43.84 21.08
N ILE A 77 -3.78 42.66 21.53
CA ILE A 77 -4.93 41.95 20.99
C ILE A 77 -5.48 41.00 22.10
N ASN A 78 -5.94 41.63 23.19
CA ASN A 78 -6.54 41.06 24.40
C ASN A 78 -7.01 42.19 25.33
N GLU A 81 -2.01 42.68 24.85
CA GLU A 81 -0.57 42.46 24.65
C GLU A 81 -0.24 40.96 24.40
N MET A 82 -0.18 40.58 23.12
CA MET A 82 0.09 39.21 22.70
C MET A 82 1.46 39.08 22.04
N LYS A 83 2.17 37.98 22.33
CA LYS A 83 3.46 37.71 21.71
C LYS A 83 3.31 36.61 20.63
N PHE A 84 3.80 36.91 19.43
CA PHE A 84 3.74 36.00 18.30
C PHE A 84 5.12 35.67 17.77
N GLU A 85 5.33 34.42 17.38
CA GLU A 85 6.56 33.98 16.77
C GLU A 85 6.34 33.94 15.27
N VAL A 86 7.11 34.75 14.52
CA VAL A 86 6.97 34.91 13.08
C VAL A 86 8.28 34.64 12.35
N LEU A 87 8.19 34.46 11.02
CA LEU A 87 9.33 34.24 10.15
C LEU A 87 9.65 35.48 9.27
N THR A 88 10.94 35.74 9.02
CA THR A 88 11.42 36.85 8.16
C THR A 88 11.34 36.42 6.67
N LEU A 89 10.15 36.58 6.08
CA LEU A 89 9.86 36.16 4.70
C LEU A 89 9.51 37.34 3.84
N ALA A 90 10.14 37.42 2.67
CA ALA A 90 9.88 38.49 1.71
C ALA A 90 8.56 38.24 0.99
N SER A 91 8.17 36.96 0.90
CA SER A 91 6.98 36.47 0.24
C SER A 91 5.74 36.48 1.14
N LEU A 92 5.93 36.58 2.46
CA LEU A 92 4.84 36.55 3.44
C LEU A 92 5.03 37.57 4.58
N THR A 93 4.15 38.59 4.68
CA THR A 93 4.23 39.65 5.71
C THR A 93 3.96 39.15 7.13
N THR A 94 4.40 39.95 8.11
CA THR A 94 4.23 39.72 9.55
C THR A 94 2.74 39.75 9.89
N GLU A 95 1.96 40.63 9.23
CA GLU A 95 0.52 40.78 9.40
C GLU A 95 -0.24 39.52 8.92
N ILE A 96 0.13 38.97 7.74
CA ILE A 96 -0.49 37.76 7.17
C ILE A 96 -0.28 36.56 8.10
N GLN A 97 0.96 36.38 8.58
CA GLN A 97 1.34 35.30 9.49
C GLN A 97 0.60 35.35 10.82
N ILE A 98 0.47 36.56 11.41
CA ILE A 98 -0.18 36.80 12.70
C ILE A 98 -1.71 36.61 12.58
N ASN A 99 -2.31 37.02 11.44
CA ASN A 99 -3.75 36.82 11.22
C ASN A 99 -4.08 35.33 11.03
N ILE A 100 -3.12 34.54 10.51
CA ILE A 100 -3.25 33.07 10.40
C ILE A 100 -3.41 32.49 11.81
N GLU A 101 -2.50 32.87 12.76
CA GLU A 101 -2.52 32.43 14.16
C GLU A 101 -3.80 32.87 14.91
N ILE A 102 -4.25 34.13 14.71
CA ILE A 102 -5.45 34.68 15.34
C ILE A 102 -6.70 33.91 14.91
N GLU A 103 -6.84 33.63 13.61
CA GLU A 103 -7.96 32.85 13.07
C GLU A 103 -7.97 31.40 13.60
N SER A 104 -6.79 30.73 13.68
CA SER A 104 -6.67 29.34 14.16
C SER A 104 -6.92 29.21 15.68
N ARG A 105 -6.50 30.21 16.48
CA ARG A 105 -6.78 30.26 17.92
C ARG A 105 -8.30 30.31 18.19
N LYS A 106 -9.08 30.96 17.28
CA LYS A 106 -10.55 31.06 17.36
C LYS A 106 -11.18 29.70 17.14
N SER A 107 -10.70 28.95 16.14
CA SER A 107 -11.19 27.60 15.83
C SER A 107 -10.76 26.61 16.92
N TYR A 108 -9.52 26.77 17.48
CA TYR A 108 -9.02 25.95 18.59
C TYR A 108 -9.91 26.11 19.82
N LYS A 109 -10.32 27.37 20.14
CA LYS A 109 -11.20 27.70 21.26
C LYS A 109 -12.55 26.98 21.08
N LYS A 110 -13.10 26.99 19.84
CA LYS A 110 -14.36 26.32 19.47
C LYS A 110 -14.25 24.82 19.66
N MET A 111 -13.10 24.22 19.26
CA MET A 111 -12.82 22.77 19.37
C MET A 111 -12.84 22.33 20.84
N LEU A 112 -12.19 23.12 21.71
CA LEU A 112 -12.08 22.91 23.15
C LEU A 112 -13.45 22.91 23.82
N LYS A 113 -14.37 23.77 23.36
CA LYS A 113 -15.74 23.88 23.87
C LYS A 113 -16.57 22.65 23.53
N GLU A 114 -16.32 22.06 22.36
CA GLU A 114 -17.04 20.90 21.81
C GLU A 114 -16.54 19.53 22.29
N MET A 115 -15.20 19.29 22.29
CA MET A 115 -14.59 17.99 22.64
C MET A 115 -13.94 17.92 24.04
N GLY A 116 -13.68 19.07 24.67
CA GLY A 116 -13.09 19.14 26.00
C GLY A 116 -11.57 19.21 26.05
N GLU A 117 -10.89 18.29 25.34
CA GLU A 117 -9.44 18.22 25.26
C GLU A 117 -9.10 17.80 23.84
N VAL A 118 -8.21 18.55 23.17
CA VAL A 118 -7.85 18.23 21.78
C VAL A 118 -6.80 17.12 21.72
N ALA A 119 -7.16 16.00 21.06
CA ALA A 119 -6.31 14.82 20.84
C ALA A 119 -5.10 15.23 19.98
N PRO A 120 -3.91 14.58 20.15
CA PRO A 120 -2.73 15.03 19.38
C PRO A 120 -2.91 15.12 17.86
N GLU A 121 -3.64 14.18 17.26
CA GLU A 121 -3.87 14.11 15.81
C GLU A 121 -4.86 15.17 15.29
N TYR A 122 -5.52 15.90 16.19
CA TYR A 122 -6.48 16.94 15.84
C TYR A 122 -5.88 18.33 16.07
N ARG A 123 -4.65 18.38 16.60
CA ARG A 123 -3.92 19.61 16.92
C ARG A 123 -3.21 20.24 15.71
N HIS A 124 -2.95 21.55 15.80
CA HIS A 124 -2.24 22.35 14.82
C HIS A 124 -0.73 22.01 14.80
N ASP A 125 -0.18 21.43 15.89
CA ASP A 125 1.25 21.12 15.95
C ASP A 125 1.54 19.62 15.76
N SER A 126 0.59 18.87 15.16
CA SER A 126 0.81 17.48 14.80
C SER A 126 2.00 17.42 13.79
N PRO A 127 2.98 16.48 13.95
CA PRO A 127 4.18 16.50 13.07
C PRO A 127 3.95 16.25 11.57
N ASP A 128 2.73 15.82 11.16
CA ASP A 128 2.41 15.49 9.76
C ASP A 128 1.63 16.55 8.99
N CYS A 129 1.39 17.73 9.63
CA CYS A 129 0.65 18.84 9.03
C CYS A 129 1.22 19.33 7.69
N GLY A 130 2.52 19.63 7.63
CA GLY A 130 3.16 20.08 6.40
C GLY A 130 3.07 19.04 5.28
N MET A 131 3.27 17.76 5.64
CA MET A 131 3.17 16.64 4.69
C MET A 131 1.75 16.45 4.12
N ILE A 132 0.70 16.78 4.91
CA ILE A 132 -0.70 16.71 4.50
C ILE A 132 -0.94 17.70 3.33
N ILE A 133 -0.48 18.95 3.50
CA ILE A 133 -0.56 20.03 2.50
C ILE A 133 0.18 19.58 1.21
N LEU A 134 1.37 18.99 1.36
CA LEU A 134 2.19 18.54 0.23
C LEU A 134 1.60 17.38 -0.60
N CYS A 135 0.60 16.65 -0.06
CA CYS A 135 -0.13 15.59 -0.76
C CYS A 135 -1.03 16.16 -1.84
N ILE A 136 -1.56 17.39 -1.62
CA ILE A 136 -2.38 18.11 -2.60
C ILE A 136 -1.47 18.53 -3.76
N ALA A 137 -0.27 19.06 -3.44
CA ALA A 137 0.73 19.49 -4.40
C ALA A 137 1.17 18.32 -5.32
N ALA A 138 1.27 17.08 -4.77
CA ALA A 138 1.64 15.88 -5.52
C ALA A 138 0.55 15.56 -6.56
N LEU A 139 -0.72 15.87 -6.22
CA LEU A 139 -1.87 15.68 -7.11
C LEU A 139 -1.86 16.74 -8.20
N VAL A 140 -1.60 18.03 -7.84
CA VAL A 140 -1.54 19.20 -8.74
C VAL A 140 -0.42 19.06 -9.79
N ILE A 141 0.77 18.60 -9.36
CA ILE A 141 1.96 18.37 -10.18
C ILE A 141 1.67 17.40 -11.33
N THR A 142 0.89 16.34 -11.07
CA THR A 142 0.50 15.32 -12.07
C THR A 142 -0.38 15.91 -13.19
N LYS A 143 -1.15 16.97 -12.85
CA LYS A 143 -2.12 17.62 -13.74
C LYS A 143 -1.67 18.95 -14.41
N LEU A 144 -0.43 19.41 -14.16
CA LEU A 144 0.05 20.70 -14.72
C LEU A 144 0.24 20.73 -16.25
N ALA A 145 0.69 19.62 -16.86
CA ALA A 145 0.99 19.46 -18.30
C ALA A 145 -0.08 19.96 -19.26
N ALA A 146 -1.36 19.91 -18.87
CA ALA A 146 -2.49 20.35 -19.70
C ALA A 146 -2.49 21.87 -20.01
N GLY A 147 -1.62 22.63 -19.35
CA GLY A 147 -1.48 24.08 -19.52
C GLY A 147 -2.71 24.88 -19.18
N ASP A 148 -3.53 24.39 -18.22
CA ASP A 148 -4.78 24.98 -17.74
C ASP A 148 -5.13 24.42 -16.34
N ARG A 149 -6.41 24.47 -15.92
CA ARG A 149 -6.84 23.99 -14.61
C ARG A 149 -8.00 22.98 -14.72
N SER A 150 -8.07 22.26 -15.85
CA SER A 150 -9.14 21.29 -16.15
C SER A 150 -9.03 19.99 -15.34
N GLY A 151 -7.85 19.72 -14.77
CA GLY A 151 -7.60 18.55 -13.95
C GLY A 151 -8.04 18.68 -12.51
N LEU A 152 -8.57 19.86 -12.12
CA LEU A 152 -9.01 20.19 -10.75
C LEU A 152 -10.08 19.25 -10.20
N THR A 153 -11.13 18.94 -11.00
CA THR A 153 -12.21 18.03 -10.60
C THR A 153 -11.66 16.65 -10.23
N ALA A 154 -10.63 16.17 -10.96
CA ALA A 154 -9.94 14.90 -10.72
C ALA A 154 -9.11 14.96 -9.43
N VAL A 155 -8.44 16.13 -9.16
CA VAL A 155 -7.63 16.38 -7.95
C VAL A 155 -8.51 16.28 -6.68
N ILE A 156 -9.69 16.95 -6.69
CA ILE A 156 -10.67 16.91 -5.60
C ILE A 156 -11.18 15.46 -5.38
N ARG A 157 -11.49 14.75 -6.48
N ARG A 157 -11.52 14.73 -6.48
CA ARG A 157 -11.95 13.35 -6.54
CA ARG A 157 -11.97 13.34 -6.42
C ARG A 157 -10.94 12.40 -5.88
C ARG A 157 -10.92 12.41 -5.79
N ARG A 158 -9.63 12.57 -6.19
CA ARG A 158 -8.52 11.79 -5.64
C ARG A 158 -8.26 12.16 -4.18
N ALA A 159 -8.23 13.47 -3.87
CA ALA A 159 -7.97 13.95 -2.51
C ALA A 159 -9.01 13.42 -1.53
N ASN A 160 -10.32 13.44 -1.90
CA ASN A 160 -11.42 12.93 -1.07
C ASN A 160 -11.23 11.44 -0.75
N ASN A 161 -10.67 10.68 -1.70
CA ASN A 161 -10.44 9.26 -1.55
C ASN A 161 -9.15 8.96 -0.76
N VAL A 162 -8.00 9.51 -1.22
CA VAL A 162 -6.68 9.26 -0.65
C VAL A 162 -6.46 9.94 0.72
N LEU A 163 -7.06 11.14 0.92
CA LEU A 163 -6.90 11.88 2.17
C LEU A 163 -8.16 11.86 3.06
N LYS A 164 -8.93 10.77 2.96
CA LYS A 164 -10.18 10.51 3.68
C LYS A 164 -10.07 10.68 5.19
N ASN A 165 -9.04 10.05 5.80
CA ASN A 165 -8.76 10.08 7.25
C ASN A 165 -8.29 11.45 7.73
N GLU A 166 -7.50 12.13 6.88
CA GLU A 166 -6.88 13.43 7.13
C GLU A 166 -7.95 14.53 7.13
N MET A 167 -8.95 14.37 6.28
CA MET A 167 -10.09 15.26 6.13
C MET A 167 -11.03 15.15 7.32
N LYS A 168 -11.05 13.95 7.97
CA LYS A 168 -11.85 13.74 9.19
C LYS A 168 -11.14 14.43 10.35
N ARG A 169 -9.80 14.47 10.32
CA ARG A 169 -9.00 15.12 11.34
C ARG A 169 -9.01 16.66 11.27
N TYR A 170 -9.05 17.26 10.05
CA TYR A 170 -8.94 18.72 9.89
C TYR A 170 -10.04 19.37 9.06
N LYS A 171 -10.75 20.36 9.70
CA LYS A 171 -11.84 21.14 9.13
C LYS A 171 -11.38 22.10 8.02
N GLY A 172 -10.13 22.55 8.12
CA GLY A 172 -9.47 23.41 7.14
C GLY A 172 -8.87 22.67 5.95
N LEU A 173 -9.00 21.30 5.87
CA LEU A 173 -8.47 20.55 4.71
C LEU A 173 -9.54 20.61 3.61
N LEU A 174 -9.47 21.67 2.79
CA LEU A 174 -10.41 21.94 1.68
C LEU A 174 -9.68 21.74 0.34
N PRO A 175 -9.76 20.52 -0.26
CA PRO A 175 -8.98 20.22 -1.47
C PRO A 175 -9.08 21.24 -2.63
N LYS A 176 -10.28 21.70 -3.01
CA LYS A 176 -10.48 22.68 -4.10
C LYS A 176 -9.67 23.95 -3.87
N ASP A 177 -9.74 24.52 -2.64
CA ASP A 177 -9.01 25.74 -2.24
C ASP A 177 -7.50 25.56 -2.20
N ILE A 178 -7.01 24.48 -1.55
CA ILE A 178 -5.58 24.14 -1.45
C ILE A 178 -5.01 23.86 -2.84
N ALA A 179 -5.76 23.14 -3.70
CA ALA A 179 -5.32 22.82 -5.07
C ALA A 179 -5.23 24.06 -5.95
N ASN A 180 -6.19 25.00 -5.81
CA ASN A 180 -6.17 26.24 -6.56
C ASN A 180 -4.95 27.10 -6.18
N SER A 181 -4.57 27.07 -4.90
CA SER A 181 -3.40 27.76 -4.35
C SER A 181 -2.10 27.22 -5.00
N PHE A 182 -1.95 25.87 -5.15
CA PHE A 182 -0.78 25.26 -5.80
C PHE A 182 -0.75 25.47 -7.32
N TYR A 183 -1.91 25.51 -7.99
CA TYR A 183 -2.03 25.82 -9.41
C TYR A 183 -1.49 27.22 -9.67
N GLU A 184 -1.90 28.21 -8.85
CA GLU A 184 -1.44 29.59 -8.94
C GLU A 184 0.07 29.73 -8.68
N VAL A 185 0.60 29.09 -7.60
CA VAL A 185 2.01 29.18 -7.22
C VAL A 185 2.95 28.50 -8.26
N PHE A 186 2.52 27.36 -8.89
CA PHE A 186 3.33 26.69 -9.91
C PHE A 186 3.27 27.44 -11.25
N GLU A 187 2.18 28.19 -11.51
CA GLU A 187 2.02 28.99 -12.73
C GLU A 187 2.84 30.29 -12.60
N LYS A 188 2.68 31.00 -11.46
CA LYS A 188 3.34 32.26 -11.14
C LYS A 188 4.84 32.08 -10.91
N HIS A 189 5.23 31.04 -10.14
CA HIS A 189 6.64 30.77 -9.85
C HIS A 189 7.00 29.34 -10.29
N PRO A 190 7.34 29.15 -11.60
CA PRO A 190 7.63 27.79 -12.11
C PRO A 190 8.86 27.10 -11.52
N HIS A 191 9.75 27.85 -10.82
CA HIS A 191 10.95 27.31 -10.17
C HIS A 191 10.62 26.38 -9.01
N PHE A 192 9.42 26.55 -8.43
CA PHE A 192 8.91 25.71 -7.35
C PHE A 192 8.63 24.27 -7.82
N ILE A 193 8.32 24.08 -9.11
CA ILE A 193 8.09 22.75 -9.69
C ILE A 193 9.38 21.95 -9.54
N ASP A 194 10.55 22.57 -9.84
CA ASP A 194 11.89 21.97 -9.73
C ASP A 194 12.20 21.58 -8.28
N VAL A 195 11.89 22.49 -7.34
CA VAL A 195 12.10 22.32 -5.91
C VAL A 195 11.28 21.14 -5.39
N PHE A 196 9.96 21.12 -5.71
CA PHE A 196 9.03 20.05 -5.33
C PHE A 196 9.43 18.65 -5.88
N VAL A 197 9.85 18.58 -7.16
CA VAL A 197 10.27 17.32 -7.80
C VAL A 197 11.50 16.77 -7.06
N HIS A 198 12.49 17.65 -6.82
CA HIS A 198 13.71 17.33 -6.07
C HIS A 198 13.39 16.91 -4.64
N PHE A 199 12.37 17.54 -4.04
CA PHE A 199 11.93 17.23 -2.68
C PHE A 199 11.31 15.81 -2.55
N GLY A 200 10.42 15.43 -3.48
CA GLY A 200 9.78 14.13 -3.52
C GLY A 200 10.75 12.98 -3.72
N ILE A 201 11.80 13.16 -4.53
CA ILE A 201 12.77 12.08 -4.71
C ILE A 201 13.60 11.87 -3.41
N ALA A 202 13.98 12.99 -2.74
CA ALA A 202 14.73 12.91 -1.47
C ALA A 202 13.84 12.36 -0.31
N GLN A 203 12.52 12.57 -0.40
CA GLN A 203 11.51 12.15 0.58
C GLN A 203 11.26 10.66 0.55
N SER A 204 11.27 10.01 -0.63
CA SER A 204 11.08 8.55 -0.72
C SER A 204 12.15 7.78 0.03
N SER A 205 13.25 8.47 0.43
CA SER A 205 14.35 7.92 1.20
C SER A 205 13.99 7.90 2.70
N THR A 206 13.05 8.79 3.13
CA THR A 206 12.51 8.87 4.49
C THR A 206 11.91 7.53 4.88
N ARG A 207 12.17 7.11 6.11
CA ARG A 207 11.65 5.87 6.65
C ARG A 207 11.31 6.09 8.11
N GLY A 208 10.05 5.89 8.43
CA GLY A 208 9.51 6.07 9.77
C GLY A 208 8.09 5.57 9.88
N GLY A 209 7.43 5.92 10.96
CA GLY A 209 6.08 5.46 11.23
C GLY A 209 4.95 6.41 10.89
N SER A 210 5.19 7.40 10.05
CA SER A 210 4.12 8.33 9.69
C SER A 210 3.30 7.86 8.48
N ARG A 211 1.99 7.89 8.64
CA ARG A 211 1.00 7.50 7.65
C ARG A 211 1.04 8.39 6.41
N VAL A 212 1.07 9.72 6.63
CA VAL A 212 1.08 10.76 5.61
C VAL A 212 2.40 10.74 4.80
N GLU A 213 3.52 10.37 5.46
CA GLU A 213 4.80 10.20 4.75
C GLU A 213 4.63 9.06 3.69
N GLY A 214 3.92 8.01 4.07
CA GLY A 214 3.60 6.88 3.20
C GLY A 214 2.63 7.23 2.08
N ILE A 215 1.60 8.05 2.39
CA ILE A 215 0.60 8.50 1.40
C ILE A 215 1.32 9.36 0.33
N PHE A 216 2.19 10.29 0.81
CA PHE A 216 2.97 11.15 -0.08
C PHE A 216 3.93 10.33 -1.00
N ALA A 217 4.61 9.32 -0.45
CA ALA A 217 5.54 8.48 -1.21
C ALA A 217 4.85 7.75 -2.36
N GLY A 218 3.61 7.28 -2.10
CA GLY A 218 2.74 6.61 -3.05
C GLY A 218 2.22 7.53 -4.12
N LEU A 219 1.73 8.73 -3.74
CA LEU A 219 1.21 9.73 -4.70
C LEU A 219 2.34 10.25 -5.61
N PHE A 220 3.55 10.48 -5.06
CA PHE A 220 4.71 10.94 -5.81
C PHE A 220 5.18 9.94 -6.88
N MET A 221 5.15 8.63 -6.58
CA MET A 221 5.51 7.58 -7.53
C MET A 221 4.48 7.46 -8.65
N ASN A 222 3.22 7.91 -8.41
CA ASN A 222 2.13 7.88 -9.39
C ASN A 222 2.33 8.93 -10.51
N ALA A 223 3.32 9.84 -10.31
CA ALA A 223 3.77 10.85 -11.29
C ALA A 223 4.74 10.20 -12.33
N TYR A 224 4.86 8.84 -12.33
CA TYR A 224 5.73 8.01 -13.18
C TYR A 224 5.01 6.73 -13.57
N GLY A 225 5.12 6.36 -14.86
CA GLY A 225 4.47 5.18 -15.44
C GLY A 225 4.03 5.38 -16.87
N SER B 5 -39.25 -18.96 1.80
CA SER B 5 -38.02 -19.70 2.05
C SER B 5 -36.74 -18.89 1.64
N ILE B 6 -36.52 -18.69 0.33
CA ILE B 6 -35.40 -17.93 -0.24
C ILE B 6 -35.92 -16.88 -1.22
N ASP B 7 -35.33 -15.68 -1.22
CA ASP B 7 -35.70 -14.61 -2.16
C ASP B 7 -35.10 -14.99 -3.51
N THR B 8 -35.97 -15.04 -4.53
CA THR B 8 -35.57 -15.46 -5.88
C THR B 8 -35.88 -14.39 -6.89
N PRO B 9 -35.02 -13.34 -7.00
CA PRO B 9 -35.31 -12.27 -7.97
C PRO B 9 -35.20 -12.74 -9.42
N ASN B 10 -36.10 -12.25 -10.27
CA ASN B 10 -36.11 -12.62 -11.68
C ASN B 10 -35.47 -11.49 -12.48
N TYR B 11 -35.36 -11.66 -13.80
CA TYR B 11 -34.76 -10.68 -14.71
C TYR B 11 -35.34 -9.28 -14.64
N ASP B 12 -36.64 -9.16 -14.27
CA ASP B 12 -37.38 -7.90 -14.22
C ASP B 12 -36.93 -6.94 -13.09
N VAL B 13 -36.23 -7.42 -12.07
CA VAL B 13 -35.77 -6.57 -10.96
C VAL B 13 -34.21 -6.37 -10.98
N GLN B 14 -33.54 -6.86 -12.03
CA GLN B 14 -32.09 -6.77 -12.28
C GLN B 14 -31.60 -5.30 -12.28
N LYS B 15 -32.26 -4.43 -13.08
CA LYS B 15 -31.97 -2.98 -13.18
C LYS B 15 -32.10 -2.28 -11.81
N HIS B 16 -33.08 -2.70 -10.96
CA HIS B 16 -33.29 -2.15 -9.63
C HIS B 16 -32.14 -2.51 -8.68
N ILE B 17 -31.73 -3.79 -8.66
CA ILE B 17 -30.65 -4.33 -7.82
C ILE B 17 -29.32 -3.68 -8.20
N ASN B 18 -29.11 -3.40 -9.53
CA ASN B 18 -27.92 -2.72 -10.06
C ASN B 18 -27.80 -1.30 -9.48
N LYS B 19 -28.90 -0.50 -9.51
CA LYS B 19 -28.97 0.85 -8.95
C LYS B 19 -28.75 0.84 -7.41
N LEU B 20 -29.18 -0.23 -6.71
CA LEU B 20 -29.00 -0.41 -5.26
C LEU B 20 -27.50 -0.57 -4.92
N CYS B 21 -26.75 -1.34 -5.76
CA CYS B 21 -25.29 -1.53 -5.69
C CYS B 21 -24.56 -0.16 -5.92
N GLY B 22 -24.98 0.57 -6.96
CA GLY B 22 -24.42 1.88 -7.31
C GLY B 22 -24.64 2.99 -6.30
N MET B 23 -25.78 2.94 -5.57
CA MET B 23 -26.11 3.86 -4.49
C MET B 23 -25.17 3.63 -3.33
N LEU B 24 -24.77 2.36 -3.07
CA LEU B 24 -23.78 2.02 -2.04
C LEU B 24 -22.38 2.51 -2.46
N LEU B 25 -22.05 2.40 -3.75
CA LEU B 25 -20.77 2.81 -4.35
C LEU B 25 -20.54 4.34 -4.36
N ILE B 26 -21.58 5.17 -4.36
CA ILE B 26 -21.37 6.63 -4.37
C ILE B 26 -21.37 7.21 -2.96
N THR B 27 -21.81 6.41 -1.95
CA THR B 27 -21.89 6.83 -0.55
C THR B 27 -20.50 6.92 0.10
N GLU B 28 -20.20 8.10 0.70
CA GLU B 28 -18.98 8.36 1.47
C GLU B 28 -19.21 7.58 2.76
N ASP B 29 -18.20 6.84 3.23
CA ASP B 29 -18.33 6.01 4.45
C ASP B 29 -19.59 5.13 4.39
N ALA B 30 -19.69 4.31 3.33
CA ALA B 30 -20.82 3.42 3.14
C ALA B 30 -20.76 2.28 4.14
N ASN B 31 -21.93 1.87 4.64
CA ASN B 31 -22.08 0.74 5.55
C ASN B 31 -22.29 -0.46 4.63
N HIS B 32 -21.27 -1.33 4.50
CA HIS B 32 -21.34 -2.49 3.62
C HIS B 32 -21.82 -3.78 4.28
N LYS B 33 -22.58 -3.67 5.39
CA LYS B 33 -23.15 -4.80 6.12
C LYS B 33 -24.00 -5.74 5.24
N PHE B 34 -24.78 -5.17 4.29
CA PHE B 34 -25.67 -5.92 3.41
C PHE B 34 -25.20 -6.07 1.93
N THR B 35 -23.99 -5.60 1.60
CA THR B 35 -23.44 -5.64 0.25
C THR B 35 -23.27 -7.09 -0.28
N GLY B 36 -22.90 -8.03 0.60
CA GLY B 36 -22.75 -9.45 0.23
C GLY B 36 -24.05 -10.06 -0.23
N LEU B 37 -25.13 -9.74 0.49
CA LEU B 37 -26.51 -10.17 0.21
C LEU B 37 -26.98 -9.53 -1.10
N ILE B 38 -26.86 -8.19 -1.22
CA ILE B 38 -27.27 -7.43 -2.41
C ILE B 38 -26.51 -7.91 -3.66
N GLY B 39 -25.22 -8.22 -3.52
CA GLY B 39 -24.37 -8.76 -4.57
C GLY B 39 -24.87 -10.12 -5.02
N MET B 40 -25.26 -10.98 -4.07
N MET B 40 -25.24 -11.00 -4.07
CA MET B 40 -25.80 -12.32 -4.33
CA MET B 40 -25.78 -12.34 -4.34
C MET B 40 -27.18 -12.26 -4.97
C MET B 40 -27.16 -12.25 -5.00
N LEU B 41 -27.97 -11.25 -4.60
CA LEU B 41 -29.29 -11.00 -5.17
C LEU B 41 -29.16 -10.48 -6.61
N TYR B 42 -28.09 -9.73 -6.92
CA TYR B 42 -27.83 -9.29 -8.29
C TYR B 42 -27.50 -10.51 -9.18
N ALA B 43 -26.62 -11.43 -8.71
CA ALA B 43 -26.27 -12.67 -9.41
C ALA B 43 -27.52 -13.54 -9.66
N MET B 44 -28.49 -13.56 -8.71
CA MET B 44 -29.73 -14.33 -8.82
C MET B 44 -30.67 -13.76 -9.91
N SER B 45 -30.76 -12.41 -10.02
CA SER B 45 -31.55 -11.72 -11.05
C SER B 45 -30.90 -11.90 -12.46
N ARG B 46 -29.60 -12.22 -12.50
CA ARG B 46 -28.87 -12.44 -13.75
C ARG B 46 -29.12 -13.84 -14.24
N LEU B 47 -29.19 -14.82 -13.30
CA LEU B 47 -29.51 -16.22 -13.60
C LEU B 47 -31.02 -16.40 -13.87
N GLY B 48 -31.83 -15.57 -13.20
CA GLY B 48 -33.29 -15.64 -13.26
C GLY B 48 -33.83 -16.61 -12.21
N ARG B 49 -35.13 -16.49 -11.88
CA ARG B 49 -35.81 -17.33 -10.89
C ARG B 49 -35.75 -18.85 -11.19
N GLU B 50 -36.10 -19.28 -12.42
CA GLU B 50 -36.11 -20.70 -12.79
C GLU B 50 -34.75 -21.39 -12.66
N ASP B 51 -33.69 -20.75 -13.14
CA ASP B 51 -32.34 -21.32 -13.07
C ASP B 51 -31.84 -21.42 -11.63
N THR B 52 -32.08 -20.36 -10.80
CA THR B 52 -31.71 -20.29 -9.37
C THR B 52 -32.32 -21.46 -8.61
N ILE B 53 -33.64 -21.68 -8.79
CA ILE B 53 -34.35 -22.80 -8.17
C ILE B 53 -33.72 -24.13 -8.61
N LYS B 54 -33.51 -24.34 -9.94
CA LYS B 54 -32.90 -25.57 -10.48
C LYS B 54 -31.54 -25.85 -9.86
N ILE B 55 -30.66 -24.81 -9.79
CA ILE B 55 -29.31 -24.89 -9.20
C ILE B 55 -29.40 -25.39 -7.75
N LEU B 56 -30.21 -24.71 -6.91
CA LEU B 56 -30.42 -25.03 -5.50
C LEU B 56 -31.00 -26.43 -5.25
N ARG B 57 -32.09 -26.82 -5.96
CA ARG B 57 -32.73 -28.14 -5.82
C ARG B 57 -31.76 -29.26 -6.18
N ASP B 58 -31.06 -29.11 -7.32
CA ASP B 58 -30.08 -30.09 -7.83
C ASP B 58 -28.88 -30.25 -6.88
N ALA B 59 -28.51 -29.19 -6.14
CA ALA B 59 -27.43 -29.20 -5.15
C ALA B 59 -27.92 -29.71 -3.77
N GLY B 60 -29.13 -30.27 -3.74
CA GLY B 60 -29.75 -30.84 -2.55
C GLY B 60 -30.29 -29.90 -1.48
N TYR B 61 -30.53 -28.61 -1.82
CA TYR B 61 -31.09 -27.66 -0.87
C TYR B 61 -32.61 -27.64 -0.96
N HIS B 62 -33.29 -27.57 0.21
CA HIS B 62 -34.73 -27.45 0.30
C HIS B 62 -35.06 -25.97 0.28
N VAL B 63 -35.58 -25.50 -0.86
CA VAL B 63 -35.89 -24.09 -1.14
C VAL B 63 -37.31 -23.86 -1.69
N LYS B 64 -37.86 -22.66 -1.48
CA LYS B 64 -39.15 -22.31 -2.06
C LYS B 64 -39.15 -20.87 -2.52
N ALA B 65 -39.30 -20.72 -3.84
CA ALA B 65 -39.33 -19.48 -4.59
C ALA B 65 -40.24 -18.42 -3.98
N ASN B 66 -39.62 -17.33 -3.53
CA ASN B 66 -40.31 -16.17 -2.98
C ASN B 66 -40.20 -15.08 -4.05
N GLY B 67 -41.34 -14.61 -4.54
CA GLY B 67 -41.39 -13.61 -5.59
C GLY B 67 -40.91 -12.24 -5.13
N VAL B 68 -40.02 -11.61 -5.92
CA VAL B 68 -39.48 -10.28 -5.66
C VAL B 68 -40.18 -9.29 -6.61
N ASP B 69 -40.96 -8.37 -6.03
CA ASP B 69 -41.71 -7.36 -6.74
C ASP B 69 -41.29 -5.97 -6.36
N VAL B 70 -41.55 -4.98 -7.24
CA VAL B 70 -41.23 -3.59 -6.97
C VAL B 70 -42.45 -2.95 -6.29
N THR B 71 -42.23 -2.38 -5.09
CA THR B 71 -43.23 -1.71 -4.26
C THR B 71 -42.86 -0.24 -4.10
N THR B 72 -43.87 0.62 -3.89
CA THR B 72 -43.70 2.04 -3.63
C THR B 72 -44.00 2.27 -2.14
N HIS B 73 -43.04 2.86 -1.43
CA HIS B 73 -43.17 3.22 -0.01
C HIS B 73 -43.06 4.74 0.15
N ARG B 74 -43.95 5.31 0.97
CA ARG B 74 -43.99 6.74 1.26
C ARG B 74 -43.63 6.96 2.72
N GLN B 75 -42.68 7.87 2.99
CA GLN B 75 -42.21 8.17 4.35
C GLN B 75 -41.80 9.64 4.47
N ASP B 76 -42.18 10.30 5.59
CA ASP B 76 -41.78 11.68 5.85
C ASP B 76 -40.31 11.60 6.32
N ILE B 77 -39.38 11.92 5.41
CA ILE B 77 -37.94 11.86 5.69
C ILE B 77 -37.41 13.27 5.94
N ASN B 78 -36.95 13.52 7.18
CA ASN B 78 -36.40 14.81 7.65
C ASN B 78 -37.35 16.01 7.40
N GLY B 79 -38.65 15.81 7.67
CA GLY B 79 -39.68 16.81 7.45
C GLY B 79 -40.51 16.65 6.18
N LYS B 80 -39.83 16.54 5.02
CA LYS B 80 -40.43 16.40 3.67
C LYS B 80 -40.92 14.98 3.34
N GLU B 81 -42.04 14.90 2.59
CA GLU B 81 -42.63 13.63 2.17
C GLU B 81 -41.84 13.05 0.99
N MET B 82 -41.46 11.78 1.10
CA MET B 82 -40.68 11.15 0.05
C MET B 82 -41.23 9.81 -0.41
N LYS B 83 -41.10 9.57 -1.72
CA LYS B 83 -41.56 8.35 -2.39
C LYS B 83 -40.33 7.48 -2.75
N PHE B 84 -40.30 6.24 -2.27
CA PHE B 84 -39.19 5.31 -2.51
C PHE B 84 -39.64 4.05 -3.20
N GLU B 85 -38.83 3.54 -4.12
CA GLU B 85 -39.08 2.30 -4.83
C GLU B 85 -38.25 1.22 -4.15
N VAL B 86 -38.93 0.21 -3.60
CA VAL B 86 -38.31 -0.87 -2.83
C VAL B 86 -38.67 -2.26 -3.37
N LEU B 87 -37.94 -3.30 -2.94
CA LEU B 87 -38.20 -4.68 -3.36
C LEU B 87 -38.75 -5.50 -2.19
N THR B 88 -39.67 -6.44 -2.49
CA THR B 88 -40.30 -7.35 -1.52
C THR B 88 -39.31 -8.50 -1.20
N LEU B 89 -38.35 -8.22 -0.30
CA LEU B 89 -37.29 -9.16 0.10
C LEU B 89 -37.47 -9.53 1.54
N ALA B 90 -37.38 -10.83 1.86
CA ALA B 90 -37.52 -11.32 3.25
C ALA B 90 -36.18 -11.20 4.00
N SER B 91 -35.07 -11.18 3.24
CA SER B 91 -33.69 -11.06 3.72
C SER B 91 -33.27 -9.60 3.95
N LEU B 92 -34.03 -8.62 3.38
CA LEU B 92 -33.71 -7.20 3.47
C LEU B 92 -34.96 -6.34 3.70
N THR B 93 -35.06 -5.70 4.88
CA THR B 93 -36.23 -4.86 5.23
C THR B 93 -36.37 -3.59 4.36
N THR B 94 -37.57 -3.02 4.36
CA THR B 94 -37.95 -1.79 3.68
C THR B 94 -37.14 -0.60 4.26
N GLU B 95 -36.90 -0.61 5.60
CA GLU B 95 -36.13 0.39 6.34
C GLU B 95 -34.65 0.37 5.90
N ILE B 96 -34.04 -0.83 5.78
CA ILE B 96 -32.64 -0.99 5.35
C ILE B 96 -32.43 -0.43 3.92
N GLN B 97 -33.32 -0.80 2.99
CA GLN B 97 -33.31 -0.38 1.60
C GLN B 97 -33.43 1.15 1.45
N ILE B 98 -34.36 1.77 2.22
CA ILE B 98 -34.63 3.21 2.18
C ILE B 98 -33.48 4.01 2.85
N ASN B 99 -32.80 3.45 3.87
CA ASN B 99 -31.67 4.16 4.48
C ASN B 99 -30.45 4.18 3.54
N ILE B 100 -30.28 3.15 2.65
CA ILE B 100 -29.23 3.09 1.63
C ILE B 100 -29.44 4.27 0.65
N GLU B 101 -30.71 4.50 0.18
CA GLU B 101 -31.08 5.61 -0.71
C GLU B 101 -30.89 6.99 -0.06
N ILE B 102 -31.29 7.15 1.21
CA ILE B 102 -31.17 8.40 1.96
C ILE B 102 -29.69 8.82 2.09
N GLU B 103 -28.82 7.88 2.50
CA GLU B 103 -27.38 8.12 2.62
C GLU B 103 -26.76 8.44 1.27
N SER B 104 -27.23 7.75 0.21
CA SER B 104 -26.78 7.88 -1.18
C SER B 104 -27.08 9.27 -1.74
N ARG B 105 -28.32 9.74 -1.58
CA ARG B 105 -28.78 11.06 -2.02
C ARG B 105 -27.98 12.22 -1.40
N LYS B 106 -27.49 12.02 -0.14
CA LYS B 106 -26.65 12.99 0.56
C LYS B 106 -25.29 13.09 -0.13
N SER B 107 -24.71 11.94 -0.52
CA SER B 107 -23.41 11.91 -1.19
C SER B 107 -23.53 12.48 -2.59
N TYR B 108 -24.67 12.20 -3.31
CA TYR B 108 -24.92 12.74 -4.64
C TYR B 108 -24.97 14.28 -4.61
N LYS B 109 -25.66 14.84 -3.59
CA LYS B 109 -25.79 16.28 -3.38
C LYS B 109 -24.39 16.89 -3.21
N LYS B 110 -23.53 16.24 -2.38
CA LYS B 110 -22.17 16.67 -2.09
C LYS B 110 -21.31 16.65 -3.34
N MET B 111 -21.44 15.60 -4.20
CA MET B 111 -20.72 15.42 -5.46
C MET B 111 -21.00 16.59 -6.40
N LEU B 112 -22.29 16.94 -6.53
CA LEU B 112 -22.81 18.01 -7.39
C LEU B 112 -22.23 19.37 -7.00
N LYS B 113 -22.07 19.62 -5.70
CA LYS B 113 -21.54 20.86 -5.15
C LYS B 113 -20.04 21.02 -5.47
N GLU B 114 -19.31 19.90 -5.49
CA GLU B 114 -17.87 19.86 -5.68
C GLU B 114 -17.42 19.84 -7.15
N MET B 115 -18.02 18.96 -7.99
CA MET B 115 -17.61 18.76 -9.37
C MET B 115 -18.58 19.26 -10.43
N GLY B 116 -19.79 19.59 -10.01
CA GLY B 116 -20.86 20.01 -10.91
C GLY B 116 -21.59 18.77 -11.36
N GLU B 117 -21.98 18.77 -12.63
CA GLU B 117 -22.72 17.68 -13.27
C GLU B 117 -21.97 16.36 -13.10
N VAL B 118 -22.67 15.31 -12.69
CA VAL B 118 -22.07 13.99 -12.52
C VAL B 118 -22.08 13.20 -13.85
N ALA B 119 -20.87 12.84 -14.33
CA ALA B 119 -20.64 12.05 -15.54
C ALA B 119 -21.30 10.66 -15.42
N PRO B 120 -21.77 10.04 -16.53
CA PRO B 120 -22.44 8.72 -16.42
C PRO B 120 -21.69 7.64 -15.62
N GLU B 121 -20.37 7.57 -15.78
CA GLU B 121 -19.51 6.57 -15.10
C GLU B 121 -19.31 6.84 -13.61
N TYR B 122 -19.76 7.98 -13.12
CA TYR B 122 -19.65 8.36 -11.71
C TYR B 122 -21.00 8.29 -11.00
N ARG B 123 -22.06 8.01 -11.79
CA ARG B 123 -23.44 7.89 -11.34
C ARG B 123 -23.72 6.52 -10.77
N HIS B 124 -24.65 6.49 -9.80
CA HIS B 124 -25.13 5.32 -9.06
C HIS B 124 -25.94 4.35 -9.93
N ASP B 125 -26.44 4.82 -11.09
CA ASP B 125 -27.23 4.02 -12.03
C ASP B 125 -26.42 3.57 -13.25
N SER B 126 -25.05 3.59 -13.14
CA SER B 126 -24.17 3.12 -14.22
C SER B 126 -24.46 1.62 -14.41
N PRO B 127 -24.57 1.08 -15.65
CA PRO B 127 -24.93 -0.35 -15.81
C PRO B 127 -23.95 -1.39 -15.27
N ASP B 128 -22.73 -0.99 -14.86
CA ASP B 128 -21.70 -1.92 -14.37
C ASP B 128 -21.52 -1.96 -12.85
N CYS B 129 -22.29 -1.16 -12.09
CA CYS B 129 -22.21 -1.14 -10.63
C CYS B 129 -22.40 -2.52 -9.96
N GLY B 130 -23.42 -3.30 -10.35
CA GLY B 130 -23.64 -4.65 -9.84
C GLY B 130 -22.44 -5.58 -10.08
N MET B 131 -21.87 -5.55 -11.31
CA MET B 131 -20.69 -6.32 -11.68
C MET B 131 -19.42 -5.89 -10.92
N ILE B 132 -19.34 -4.58 -10.51
CA ILE B 132 -18.20 -4.05 -9.73
C ILE B 132 -18.13 -4.78 -8.37
N ILE B 133 -19.28 -4.85 -7.67
CA ILE B 133 -19.43 -5.56 -6.39
C ILE B 133 -19.05 -7.07 -6.52
N LEU B 134 -19.46 -7.70 -7.61
CA LEU B 134 -19.21 -9.12 -7.83
C LEU B 134 -17.76 -9.48 -8.10
N CYS B 135 -16.93 -8.50 -8.49
CA CYS B 135 -15.49 -8.68 -8.69
C CYS B 135 -14.84 -9.00 -7.35
N ILE B 136 -15.32 -8.34 -6.27
CA ILE B 136 -14.82 -8.60 -4.92
C ILE B 136 -15.14 -10.04 -4.52
N ALA B 137 -16.40 -10.50 -4.78
CA ALA B 137 -16.92 -11.84 -4.53
C ALA B 137 -16.06 -12.88 -5.26
N ALA B 138 -15.60 -12.57 -6.50
CA ALA B 138 -14.74 -13.45 -7.28
C ALA B 138 -13.37 -13.62 -6.61
N LEU B 139 -12.89 -12.56 -5.91
CA LEU B 139 -11.62 -12.58 -5.16
C LEU B 139 -11.78 -13.39 -3.88
N VAL B 140 -12.89 -13.17 -3.16
CA VAL B 140 -13.23 -13.89 -1.92
C VAL B 140 -13.37 -15.42 -2.19
N ILE B 141 -14.13 -15.81 -3.24
CA ILE B 141 -14.37 -17.21 -3.65
C ILE B 141 -13.06 -18.02 -3.84
N THR B 142 -12.01 -17.38 -4.40
CA THR B 142 -10.67 -17.97 -4.59
C THR B 142 -9.99 -18.30 -3.24
N LYS B 143 -10.30 -17.52 -2.18
CA LYS B 143 -9.72 -17.60 -0.83
C LYS B 143 -10.56 -18.32 0.23
N LEU B 144 -11.76 -18.84 -0.12
CA LEU B 144 -12.65 -19.47 0.89
C LEU B 144 -12.12 -20.77 1.52
N ALA B 145 -12.13 -20.72 2.88
CA ALA B 145 -11.75 -21.70 3.90
C ALA B 145 -12.37 -21.17 5.20
N ASP B 148 -12.11 -19.22 8.42
CA ASP B 148 -10.80 -18.71 8.03
C ASP B 148 -10.94 -17.51 7.09
N ARG B 149 -10.43 -16.33 7.52
CA ARG B 149 -10.44 -15.06 6.76
C ARG B 149 -9.02 -14.48 6.61
N SER B 150 -8.02 -15.38 6.58
CA SER B 150 -6.58 -15.08 6.43
C SER B 150 -6.20 -14.54 5.04
N GLY B 151 -7.04 -14.82 4.04
CA GLY B 151 -6.81 -14.39 2.66
C GLY B 151 -7.24 -12.97 2.36
N LEU B 152 -7.82 -12.26 3.36
CA LEU B 152 -8.33 -10.90 3.25
C LEU B 152 -7.27 -9.86 2.82
N THR B 153 -6.07 -9.89 3.43
CA THR B 153 -4.97 -8.97 3.07
C THR B 153 -4.60 -9.11 1.59
N ALA B 154 -4.63 -10.34 1.04
CA ALA B 154 -4.37 -10.67 -0.37
C ALA B 154 -5.49 -10.15 -1.28
N VAL B 155 -6.76 -10.25 -0.82
CA VAL B 155 -7.96 -9.76 -1.53
C VAL B 155 -7.86 -8.24 -1.74
N ILE B 156 -7.55 -7.49 -0.67
CA ILE B 156 -7.40 -6.03 -0.69
C ILE B 156 -6.24 -5.63 -1.64
N ARG B 157 -5.10 -6.33 -1.58
CA ARG B 157 -3.94 -6.10 -2.45
C ARG B 157 -4.31 -6.28 -3.92
N ARG B 158 -5.01 -7.39 -4.26
CA ARG B 158 -5.48 -7.68 -5.62
C ARG B 158 -6.53 -6.68 -6.10
N ALA B 159 -7.54 -6.36 -5.23
CA ALA B 159 -8.61 -5.42 -5.55
C ALA B 159 -8.05 -4.05 -5.90
N ASN B 160 -7.06 -3.54 -5.11
CA ASN B 160 -6.39 -2.25 -5.34
C ASN B 160 -5.72 -2.20 -6.72
N ASN B 161 -5.19 -3.32 -7.17
CA ASN B 161 -4.54 -3.44 -8.48
C ASN B 161 -5.53 -3.60 -9.63
N VAL B 162 -6.39 -4.64 -9.56
CA VAL B 162 -7.36 -5.01 -10.60
C VAL B 162 -8.54 -4.01 -10.72
N LEU B 163 -8.99 -3.42 -9.60
CA LEU B 163 -10.11 -2.48 -9.61
C LEU B 163 -9.68 -1.03 -9.40
N LYS B 164 -8.45 -0.70 -9.87
CA LYS B 164 -7.81 0.63 -9.78
C LYS B 164 -8.65 1.74 -10.34
N ASN B 165 -9.20 1.56 -11.56
CA ASN B 165 -10.05 2.52 -12.28
C ASN B 165 -11.42 2.68 -11.64
N GLU B 166 -12.01 1.55 -11.20
CA GLU B 166 -13.32 1.41 -10.56
C GLU B 166 -13.34 2.11 -9.18
N MET B 167 -12.18 2.14 -8.48
CA MET B 167 -11.96 2.78 -7.18
C MET B 167 -11.82 4.29 -7.34
N LYS B 168 -11.36 4.75 -8.53
CA LYS B 168 -11.24 6.17 -8.85
C LYS B 168 -12.61 6.71 -9.15
N ARG B 169 -13.48 5.86 -9.74
CA ARG B 169 -14.85 6.24 -10.04
C ARG B 169 -15.78 6.29 -8.82
N TYR B 170 -15.61 5.39 -7.81
CA TYR B 170 -16.51 5.31 -6.66
C TYR B 170 -15.83 5.37 -5.27
N LYS B 171 -16.24 6.35 -4.46
CA LYS B 171 -15.73 6.53 -3.09
C LYS B 171 -16.19 5.44 -2.13
N GLY B 172 -17.32 4.81 -2.46
CA GLY B 172 -17.91 3.71 -1.69
C GLY B 172 -17.25 2.37 -1.94
N LEU B 173 -16.37 2.27 -2.97
CA LEU B 173 -15.66 1.01 -3.27
C LEU B 173 -14.53 0.78 -2.26
N LEU B 174 -14.89 0.14 -1.14
CA LEU B 174 -13.97 -0.15 -0.02
C LEU B 174 -13.73 -1.67 0.05
N PRO B 175 -12.64 -2.18 -0.59
CA PRO B 175 -12.42 -3.63 -0.68
C PRO B 175 -12.50 -4.43 0.63
N LYS B 176 -11.86 -3.97 1.73
CA LYS B 176 -11.89 -4.64 3.04
C LYS B 176 -13.32 -4.86 3.53
N ASP B 177 -14.16 -3.81 3.48
CA ASP B 177 -15.57 -3.85 3.91
C ASP B 177 -16.45 -4.75 3.03
N ILE B 178 -16.37 -4.60 1.69
CA ILE B 178 -17.12 -5.41 0.74
C ILE B 178 -16.69 -6.88 0.83
N ALA B 179 -15.39 -7.15 0.99
CA ALA B 179 -14.86 -8.53 1.11
C ALA B 179 -15.32 -9.20 2.40
N ASN B 180 -15.37 -8.45 3.52
CA ASN B 180 -15.83 -8.99 4.81
C ASN B 180 -17.30 -9.38 4.73
N SER B 181 -18.10 -8.58 3.98
CA SER B 181 -19.53 -8.81 3.74
C SER B 181 -19.73 -10.14 2.98
N PHE B 182 -18.90 -10.41 1.95
CA PHE B 182 -18.96 -11.67 1.20
C PHE B 182 -18.53 -12.89 2.02
N TYR B 183 -17.47 -12.73 2.85
CA TYR B 183 -16.98 -13.79 3.74
C TYR B 183 -18.09 -14.25 4.66
N GLU B 184 -18.80 -13.27 5.27
CA GLU B 184 -19.92 -13.53 6.17
C GLU B 184 -21.09 -14.23 5.47
N VAL B 185 -21.51 -13.73 4.27
CA VAL B 185 -22.66 -14.30 3.54
C VAL B 185 -22.38 -15.74 3.04
N PHE B 186 -21.12 -16.08 2.67
CA PHE B 186 -20.77 -17.43 2.21
C PHE B 186 -20.64 -18.39 3.39
N GLU B 187 -20.31 -17.87 4.60
CA GLU B 187 -20.18 -18.67 5.82
C GLU B 187 -21.58 -18.93 6.38
N LYS B 188 -22.42 -17.88 6.47
CA LYS B 188 -23.79 -17.92 7.01
C LYS B 188 -24.73 -18.69 6.07
N HIS B 189 -24.66 -18.43 4.75
CA HIS B 189 -25.51 -19.09 3.77
C HIS B 189 -24.64 -19.77 2.71
N PRO B 190 -24.15 -21.01 2.98
CA PRO B 190 -23.25 -21.68 2.02
C PRO B 190 -23.85 -22.02 0.65
N HIS B 191 -25.20 -21.97 0.49
CA HIS B 191 -25.87 -22.23 -0.78
C HIS B 191 -25.57 -21.16 -1.83
N PHE B 192 -25.18 -19.95 -1.37
CA PHE B 192 -24.79 -18.83 -2.22
C PHE B 192 -23.50 -19.10 -2.99
N ILE B 193 -22.61 -19.95 -2.43
CA ILE B 193 -21.35 -20.34 -3.08
C ILE B 193 -21.72 -21.04 -4.40
N ASP B 194 -22.71 -21.96 -4.35
CA ASP B 194 -23.20 -22.73 -5.50
C ASP B 194 -23.79 -21.81 -6.56
N VAL B 195 -24.60 -20.84 -6.12
CA VAL B 195 -25.27 -19.85 -6.97
C VAL B 195 -24.23 -18.99 -7.71
N PHE B 196 -23.25 -18.43 -6.96
CA PHE B 196 -22.16 -17.62 -7.50
C PHE B 196 -21.28 -18.38 -8.50
N VAL B 197 -20.92 -19.64 -8.22
CA VAL B 197 -20.09 -20.47 -9.11
C VAL B 197 -20.83 -20.70 -10.44
N HIS B 198 -22.13 -21.07 -10.34
CA HIS B 198 -23.01 -21.28 -11.49
C HIS B 198 -23.20 -19.99 -12.27
N PHE B 199 -23.21 -18.84 -11.57
CA PHE B 199 -23.36 -17.53 -12.19
C PHE B 199 -22.11 -17.14 -13.04
N GLY B 200 -20.91 -17.34 -12.49
CA GLY B 200 -19.68 -16.97 -13.18
C GLY B 200 -19.43 -17.85 -14.38
N ILE B 201 -19.78 -19.11 -14.27
CA ILE B 201 -19.60 -20.00 -15.39
C ILE B 201 -20.51 -19.58 -16.59
N ALA B 202 -21.77 -19.16 -16.31
CA ALA B 202 -22.72 -18.70 -17.33
C ALA B 202 -22.37 -17.28 -17.84
N GLN B 203 -21.66 -16.47 -17.01
CA GLN B 203 -21.25 -15.08 -17.30
C GLN B 203 -20.11 -15.08 -18.33
N SER B 204 -19.28 -16.14 -18.39
CA SER B 204 -18.20 -16.25 -19.38
C SER B 204 -18.77 -16.32 -20.80
N SER B 205 -20.08 -16.53 -20.92
CA SER B 205 -20.80 -16.56 -22.19
C SER B 205 -21.21 -15.15 -22.67
N THR B 206 -21.49 -14.19 -21.73
CA THR B 206 -21.87 -12.79 -21.99
C THR B 206 -20.96 -12.09 -23.04
N ARG B 207 -21.61 -11.35 -23.95
CA ARG B 207 -21.00 -10.57 -25.05
C ARG B 207 -20.28 -9.31 -24.49
N GLY B 208 -19.18 -8.91 -25.13
CA GLY B 208 -18.33 -7.78 -24.77
C GLY B 208 -18.99 -6.41 -24.76
N GLY B 209 -18.15 -5.39 -24.58
CA GLY B 209 -18.56 -4.00 -24.51
C GLY B 209 -18.16 -3.41 -23.18
N SER B 210 -18.65 -4.01 -22.08
CA SER B 210 -18.31 -3.52 -20.75
C SER B 210 -16.96 -4.03 -20.25
N ARG B 211 -16.18 -3.08 -19.73
CA ARG B 211 -14.84 -3.26 -19.15
C ARG B 211 -14.91 -4.18 -17.92
N VAL B 212 -15.88 -3.90 -17.04
CA VAL B 212 -16.12 -4.58 -15.78
C VAL B 212 -16.53 -6.04 -16.01
N GLU B 213 -17.28 -6.31 -17.10
CA GLU B 213 -17.66 -7.69 -17.46
C GLU B 213 -16.38 -8.50 -17.80
N GLY B 214 -15.44 -7.86 -18.49
CA GLY B 214 -14.13 -8.38 -18.86
C GLY B 214 -13.23 -8.59 -17.66
N ILE B 215 -13.27 -7.68 -16.66
CA ILE B 215 -12.50 -7.80 -15.41
C ILE B 215 -13.02 -9.04 -14.63
N PHE B 216 -14.36 -9.15 -14.48
CA PHE B 216 -15.00 -10.27 -13.80
C PHE B 216 -14.62 -11.62 -14.41
N ALA B 217 -14.84 -11.83 -15.75
CA ALA B 217 -14.50 -13.06 -16.48
C ALA B 217 -13.04 -13.50 -16.24
N GLY B 218 -12.13 -12.53 -16.25
CA GLY B 218 -10.72 -12.74 -15.98
C GLY B 218 -10.47 -13.21 -14.56
N LEU B 219 -11.11 -12.55 -13.57
CA LEU B 219 -10.96 -12.91 -12.16
C LEU B 219 -11.58 -14.27 -11.88
N PHE B 220 -12.75 -14.57 -12.47
CA PHE B 220 -13.45 -15.85 -12.31
C PHE B 220 -12.64 -17.02 -12.85
N MET B 221 -11.96 -16.85 -13.99
CA MET B 221 -11.11 -17.90 -14.57
C MET B 221 -9.86 -18.16 -13.71
N ASN B 222 -9.45 -17.17 -12.88
CA ASN B 222 -8.29 -17.27 -11.98
C ASN B 222 -8.55 -18.15 -10.74
N ALA B 223 -9.81 -18.23 -10.25
CA ALA B 223 -10.16 -19.06 -9.09
C ALA B 223 -9.99 -20.59 -9.40
N TYR B 224 -9.93 -20.94 -10.71
CA TYR B 224 -9.78 -22.28 -11.27
C TYR B 224 -8.41 -22.45 -11.93
N GLY B 225 -7.70 -21.35 -12.15
CA GLY B 225 -6.36 -21.33 -12.75
C GLY B 225 -5.28 -21.76 -11.78
N SER C 5 -8.80 -27.14 32.73
CA SER C 5 -9.44 -26.62 31.52
C SER C 5 -8.45 -25.83 30.64
N ILE C 6 -8.33 -26.23 29.34
CA ILE C 6 -7.44 -25.56 28.40
C ILE C 6 -8.23 -24.68 27.42
N ASP C 7 -7.72 -23.46 27.15
CA ASP C 7 -8.31 -22.54 26.20
C ASP C 7 -7.95 -23.03 24.81
N THR C 8 -8.95 -23.24 23.95
CA THR C 8 -8.74 -23.71 22.58
C THR C 8 -9.33 -22.71 21.57
N PRO C 9 -8.62 -21.59 21.26
CA PRO C 9 -9.15 -20.61 20.31
C PRO C 9 -9.30 -21.16 18.89
N ASN C 10 -10.36 -20.74 18.22
CA ASN C 10 -10.58 -21.15 16.86
C ASN C 10 -10.29 -19.98 15.87
N TYR C 11 -10.22 -20.26 14.54
CA TYR C 11 -9.88 -19.30 13.48
C TYR C 11 -10.56 -17.92 13.59
N ASP C 12 -11.76 -17.87 14.18
CA ASP C 12 -12.58 -16.66 14.32
C ASP C 12 -12.03 -15.62 15.31
N VAL C 13 -11.11 -16.02 16.23
CA VAL C 13 -10.54 -15.07 17.21
C VAL C 13 -9.05 -14.77 16.94
N GLN C 14 -8.54 -15.26 15.79
CA GLN C 14 -7.17 -15.09 15.29
C GLN C 14 -6.80 -13.61 15.19
N LYS C 15 -7.63 -12.80 14.49
CA LYS C 15 -7.49 -11.36 14.29
C LYS C 15 -7.42 -10.62 15.64
N HIS C 16 -8.21 -11.05 16.65
CA HIS C 16 -8.22 -10.44 17.99
C HIS C 16 -6.91 -10.71 18.72
N ILE C 17 -6.45 -11.97 18.75
CA ILE C 17 -5.18 -12.39 19.39
C ILE C 17 -3.99 -11.68 18.76
N ASN C 18 -4.03 -11.46 17.41
CA ASN C 18 -2.99 -10.73 16.67
C ASN C 18 -2.89 -9.26 17.16
N LYS C 19 -4.04 -8.56 17.32
CA LYS C 19 -4.12 -7.19 17.83
C LYS C 19 -3.62 -7.10 19.30
N LEU C 20 -3.86 -8.16 20.10
CA LEU C 20 -3.38 -8.29 21.50
C LEU C 20 -1.83 -8.35 21.56
N CYS C 21 -1.21 -9.16 20.67
CA CYS C 21 0.23 -9.31 20.45
C CYS C 21 0.79 -7.95 20.05
N GLY C 22 0.11 -7.29 19.10
CA GLY C 22 0.47 -5.97 18.59
C GLY C 22 0.48 -4.91 19.67
N MET C 23 -0.59 -4.88 20.54
CA MET C 23 -0.71 -3.95 21.68
C MET C 23 0.54 -4.02 22.56
N LEU C 24 0.96 -5.25 22.89
CA LEU C 24 2.20 -5.50 23.64
C LEU C 24 3.44 -5.00 22.87
N LEU C 25 3.47 -5.18 21.53
CA LEU C 25 4.58 -4.77 20.68
C LEU C 25 4.76 -3.23 20.55
N ILE C 26 3.72 -2.43 20.76
CA ILE C 26 3.81 -0.98 20.62
C ILE C 26 4.10 -0.30 21.97
N THR C 27 3.96 -1.05 23.08
CA THR C 27 4.19 -0.59 24.45
C THR C 27 5.68 -0.49 24.83
N GLU C 28 6.16 0.72 25.20
CA GLU C 28 7.52 1.00 25.68
C GLU C 28 7.69 0.34 27.06
N ASP C 29 8.77 -0.41 27.26
CA ASP C 29 9.08 -1.13 28.51
C ASP C 29 7.88 -1.96 28.95
N ALA C 30 7.31 -2.71 28.00
CA ALA C 30 6.15 -3.57 28.17
C ALA C 30 6.42 -4.70 29.14
N ASN C 31 5.44 -4.99 30.01
CA ASN C 31 5.49 -6.11 30.93
C ASN C 31 5.13 -7.35 30.07
N HIS C 32 6.13 -8.17 29.74
CA HIS C 32 5.95 -9.35 28.90
C HIS C 32 5.66 -10.64 29.67
N LYS C 33 5.06 -10.53 30.89
CA LYS C 33 4.71 -11.65 31.75
C LYS C 33 3.79 -12.68 31.06
N PHE C 34 2.84 -12.19 30.26
CA PHE C 34 1.85 -13.02 29.57
C PHE C 34 2.07 -13.23 28.05
N THR C 35 3.17 -12.70 27.49
CA THR C 35 3.49 -12.78 26.06
C THR C 35 3.64 -14.23 25.57
N GLY C 36 4.24 -15.10 26.40
CA GLY C 36 4.43 -16.51 26.10
C GLY C 36 3.12 -17.23 25.89
N LEU C 37 2.13 -16.93 26.77
CA LEU C 37 0.78 -17.46 26.78
C LEU C 37 0.02 -16.94 25.56
N ILE C 38 0.04 -15.61 25.36
CA ILE C 38 -0.64 -14.95 24.25
C ILE C 38 -0.10 -15.47 22.89
N GLY C 39 1.22 -15.67 22.81
CA GLY C 39 1.91 -16.21 21.64
C GLY C 39 1.43 -17.62 21.35
N MET C 40 1.29 -18.45 22.40
N MET C 40 1.31 -18.46 22.39
CA MET C 40 0.80 -19.81 22.29
CA MET C 40 0.82 -19.84 22.28
C MET C 40 -0.66 -19.91 21.91
C MET C 40 -0.65 -19.90 21.89
N LEU C 41 -1.47 -18.95 22.40
CA LEU C 41 -2.90 -18.82 22.08
C LEU C 41 -3.05 -18.42 20.60
N TYR C 42 -2.12 -17.58 20.06
CA TYR C 42 -2.12 -17.19 18.65
C TYR C 42 -1.88 -18.42 17.75
N ALA C 43 -0.87 -19.27 18.08
CA ALA C 43 -0.58 -20.52 17.32
C ALA C 43 -1.75 -21.47 17.36
N MET C 44 -2.53 -21.48 18.49
CA MET C 44 -3.69 -22.35 18.64
C MET C 44 -4.85 -21.90 17.72
N SER C 45 -5.07 -20.57 17.58
CA SER C 45 -6.09 -19.97 16.70
C SER C 45 -5.74 -20.13 15.22
N ARG C 46 -4.44 -20.39 14.92
CA ARG C 46 -3.89 -20.63 13.58
C ARG C 46 -4.08 -22.09 13.20
N LEU C 47 -3.93 -23.01 14.18
CA LEU C 47 -4.14 -24.45 14.00
C LEU C 47 -5.64 -24.76 13.99
N GLY C 48 -6.41 -23.96 14.74
CA GLY C 48 -7.85 -24.15 14.91
C GLY C 48 -8.13 -25.08 16.07
N ARG C 49 -9.37 -25.03 16.59
CA ARG C 49 -9.82 -25.84 17.73
C ARG C 49 -9.69 -27.36 17.52
N GLU C 50 -10.20 -27.90 16.39
CA GLU C 50 -10.16 -29.34 16.09
C GLU C 50 -8.74 -29.93 16.05
N ASP C 51 -7.80 -29.25 15.38
CA ASP C 51 -6.42 -29.71 15.27
C ASP C 51 -5.70 -29.69 16.62
N THR C 52 -5.89 -28.60 17.40
CA THR C 52 -5.30 -28.41 18.74
C THR C 52 -5.71 -29.54 19.68
N ILE C 53 -7.02 -29.86 19.73
CA ILE C 53 -7.56 -30.94 20.53
C ILE C 53 -6.91 -32.27 20.09
N LYS C 54 -6.91 -32.57 18.77
CA LYS C 54 -6.30 -33.79 18.24
C LYS C 54 -4.85 -33.94 18.67
N ILE C 55 -4.02 -32.86 18.51
CA ILE C 55 -2.60 -32.81 18.89
C ILE C 55 -2.43 -33.20 20.37
N LEU C 56 -3.17 -32.50 21.28
CA LEU C 56 -3.12 -32.70 22.72
C LEU C 56 -3.57 -34.09 23.18
N ARG C 57 -4.74 -34.58 22.67
CA ARG C 57 -5.28 -35.90 23.01
C ARG C 57 -4.31 -37.01 22.59
N ASP C 58 -3.78 -36.93 21.33
CA ASP C 58 -2.84 -37.90 20.77
C ASP C 58 -1.52 -37.95 21.53
N ALA C 59 -1.11 -36.80 22.12
CA ALA C 59 0.11 -36.69 22.92
C ALA C 59 -0.13 -37.09 24.39
N GLY C 60 -1.31 -37.67 24.68
CA GLY C 60 -1.71 -38.18 25.98
C GLY C 60 -2.11 -37.17 27.04
N TYR C 61 -2.46 -35.93 26.65
CA TYR C 61 -2.89 -34.90 27.60
C TYR C 61 -4.40 -34.92 27.76
N HIS C 62 -4.88 -34.70 28.99
CA HIS C 62 -6.29 -34.68 29.34
C HIS C 62 -6.85 -33.30 29.06
N VAL C 63 -7.70 -33.23 28.02
CA VAL C 63 -8.33 -32.03 27.46
C VAL C 63 -9.77 -31.83 27.94
N LYS C 64 -10.01 -30.68 28.56
CA LYS C 64 -11.30 -30.15 28.95
C LYS C 64 -11.28 -28.82 28.15
N ALA C 65 -11.77 -28.87 26.90
CA ALA C 65 -11.75 -27.74 25.98
C ALA C 65 -12.67 -26.58 26.40
N ASN C 66 -12.12 -25.35 26.35
CA ASN C 66 -12.85 -24.13 26.66
C ASN C 66 -12.90 -23.25 25.40
N GLY C 67 -14.12 -22.97 24.97
CA GLY C 67 -14.41 -22.11 23.81
C GLY C 67 -14.06 -20.66 24.08
N VAL C 68 -13.39 -20.04 23.11
CA VAL C 68 -12.93 -18.65 23.20
C VAL C 68 -13.85 -17.78 22.34
N ASP C 69 -14.54 -16.85 23.00
CA ASP C 69 -15.48 -15.93 22.36
C ASP C 69 -15.08 -14.49 22.63
N VAL C 70 -15.60 -13.57 21.79
CA VAL C 70 -15.37 -12.13 21.96
C VAL C 70 -16.50 -11.57 22.81
N THR C 71 -16.14 -10.93 23.93
CA THR C 71 -17.05 -10.30 24.90
C THR C 71 -16.78 -8.79 24.96
N THR C 72 -17.80 -8.02 25.31
CA THR C 72 -17.70 -6.59 25.53
C THR C 72 -17.75 -6.32 27.04
N HIS C 73 -16.75 -5.63 27.57
CA HIS C 73 -16.67 -5.25 28.97
C HIS C 73 -16.64 -3.73 29.10
N ARG C 74 -17.43 -3.19 30.05
CA ARG C 74 -17.52 -1.76 30.33
C ARG C 74 -16.90 -1.45 31.68
N GLN C 75 -15.95 -0.50 31.72
CA GLN C 75 -15.33 -0.04 32.99
C GLN C 75 -14.98 1.46 32.97
N ASP C 76 -15.38 2.17 34.05
CA ASP C 76 -15.19 3.59 34.28
C ASP C 76 -13.71 3.89 34.54
N ILE C 77 -13.07 4.67 33.64
CA ILE C 77 -11.64 5.03 33.71
C ILE C 77 -11.42 6.48 34.24
N ASN C 78 -12.25 7.46 33.82
CA ASN C 78 -12.11 8.86 34.26
C ASN C 78 -13.45 9.52 34.51
N LYS C 80 -16.17 8.74 32.66
CA LYS C 80 -15.66 8.34 31.35
C LYS C 80 -15.67 6.80 31.13
N GLU C 81 -16.87 6.19 31.22
CA GLU C 81 -17.07 4.75 31.01
C GLU C 81 -16.50 4.35 29.65
N MET C 82 -15.57 3.39 29.65
CA MET C 82 -14.90 2.85 28.45
C MET C 82 -15.38 1.45 28.11
N LYS C 83 -15.49 1.17 26.81
CA LYS C 83 -15.94 -0.11 26.27
C LYS C 83 -14.73 -0.86 25.70
N PHE C 84 -14.48 -2.08 26.19
CA PHE C 84 -13.35 -2.92 25.77
C PHE C 84 -13.82 -4.26 25.21
N GLU C 85 -13.13 -4.71 24.17
CA GLU C 85 -13.39 -6.00 23.53
C GLU C 85 -12.38 -6.99 24.09
N VAL C 86 -12.87 -8.02 24.79
CA VAL C 86 -12.04 -9.03 25.46
C VAL C 86 -12.36 -10.45 25.02
N LEU C 87 -11.46 -11.39 25.35
CA LEU C 87 -11.64 -12.81 25.07
C LEU C 87 -11.99 -13.61 26.33
N THR C 88 -12.83 -14.65 26.17
CA THR C 88 -13.23 -15.54 27.26
C THR C 88 -12.12 -16.59 27.45
N LEU C 89 -11.05 -16.21 28.15
CA LEU C 89 -9.90 -17.06 28.42
C LEU C 89 -9.84 -17.40 29.90
N ALA C 90 -9.61 -18.68 30.23
CA ALA C 90 -9.47 -19.14 31.61
C ALA C 90 -8.03 -18.89 32.12
N SER C 91 -7.09 -18.82 31.20
CA SER C 91 -5.67 -18.58 31.45
C SER C 91 -5.32 -17.10 31.56
N LEU C 92 -6.21 -16.21 31.07
CA LEU C 92 -6.00 -14.76 31.07
C LEU C 92 -7.25 -13.97 31.48
N THR C 93 -7.20 -13.29 32.66
CA THR C 93 -8.35 -12.52 33.18
C THR C 93 -8.71 -11.31 32.34
N THR C 94 -9.95 -10.83 32.52
CA THR C 94 -10.52 -9.65 31.86
C THR C 94 -9.72 -8.39 32.26
N GLU C 95 -9.26 -8.34 33.53
CA GLU C 95 -8.44 -7.24 34.08
C GLU C 95 -7.05 -7.17 33.42
N ILE C 96 -6.38 -8.33 33.24
CA ILE C 96 -5.06 -8.41 32.59
C ILE C 96 -5.14 -7.91 31.14
N GLN C 97 -6.16 -8.39 30.38
CA GLN C 97 -6.42 -8.01 28.99
C GLN C 97 -6.68 -6.51 28.82
N ILE C 98 -7.48 -5.92 29.72
CA ILE C 98 -7.86 -4.51 29.68
C ILE C 98 -6.67 -3.60 30.06
N ASN C 99 -5.82 -4.05 31.01
CA ASN C 99 -4.64 -3.28 31.39
C ASN C 99 -3.60 -3.30 30.24
N ILE C 100 -3.61 -4.35 29.38
CA ILE C 100 -2.74 -4.43 28.20
C ILE C 100 -3.14 -3.30 27.23
N GLU C 101 -4.46 -3.13 26.97
CA GLU C 101 -5.02 -2.08 26.10
C GLU C 101 -4.75 -0.67 26.65
N ILE C 102 -4.92 -0.48 27.97
CA ILE C 102 -4.69 0.82 28.64
C ILE C 102 -3.21 1.26 28.51
N GLU C 103 -2.26 0.33 28.76
CA GLU C 103 -0.84 0.59 28.66
C GLU C 103 -0.43 0.89 27.24
N SER C 104 -1.02 0.14 26.30
CA SER C 104 -0.80 0.31 24.86
C SER C 104 -1.31 1.70 24.40
N ARG C 105 -2.49 2.15 24.88
CA ARG C 105 -3.05 3.47 24.54
C ARG C 105 -2.19 4.64 25.00
N LYS C 106 -1.35 4.43 26.03
CA LYS C 106 -0.41 5.43 26.55
C LYS C 106 0.78 5.56 25.59
N SER C 107 1.32 4.42 25.13
CA SER C 107 2.43 4.40 24.18
C SER C 107 1.97 4.90 22.81
N TYR C 108 0.72 4.57 22.40
CA TYR C 108 0.13 5.00 21.13
C TYR C 108 0.02 6.51 21.12
N LYS C 109 -0.41 7.11 22.24
CA LYS C 109 -0.53 8.57 22.41
C LYS C 109 0.86 9.22 22.22
N LYS C 110 1.92 8.63 22.81
CA LYS C 110 3.30 9.10 22.70
C LYS C 110 3.80 9.04 21.24
N MET C 111 3.46 7.96 20.51
CA MET C 111 3.82 7.75 19.11
C MET C 111 3.22 8.86 18.23
N LEU C 112 1.94 9.17 18.46
CA LEU C 112 1.14 10.17 17.77
C LEU C 112 1.74 11.56 17.92
N LYS C 113 2.32 11.84 19.10
CA LYS C 113 2.96 13.13 19.41
C LYS C 113 4.29 13.30 18.64
N GLU C 114 4.99 12.18 18.39
CA GLU C 114 6.28 12.13 17.73
C GLU C 114 6.22 12.04 16.19
N MET C 115 5.35 11.18 15.63
CA MET C 115 5.27 10.96 14.17
C MET C 115 4.01 11.50 13.48
N GLY C 116 2.99 11.86 14.27
CA GLY C 116 1.66 12.24 13.77
C GLY C 116 0.85 10.96 13.67
N GLU C 117 -0.10 10.85 12.73
CA GLU C 117 -0.84 9.60 12.56
C GLU C 117 0.11 8.44 12.08
N VAL C 118 0.01 7.30 12.78
CA VAL C 118 0.79 6.07 12.71
C VAL C 118 0.53 5.24 11.43
N ALA C 119 1.61 4.92 10.70
CA ALA C 119 1.66 4.08 9.50
C ALA C 119 1.16 2.65 9.84
N PRO C 120 0.49 1.93 8.90
CA PRO C 120 -0.01 0.58 9.21
C PRO C 120 1.00 -0.40 9.81
N GLU C 121 2.27 -0.39 9.36
CA GLU C 121 3.36 -1.27 9.85
C GLU C 121 3.87 -0.92 11.26
N TYR C 122 3.44 0.22 11.80
CA TYR C 122 3.83 0.66 13.12
C TYR C 122 2.67 0.50 14.12
N ARG C 123 1.50 0.12 13.60
CA ARG C 123 0.28 -0.09 14.35
C ARG C 123 0.22 -1.47 14.98
N HIS C 124 -0.52 -1.56 16.10
CA HIS C 124 -0.79 -2.75 16.94
C HIS C 124 -1.72 -3.75 16.26
N ASP C 125 -2.35 -3.35 15.12
CA ASP C 125 -3.25 -4.23 14.34
C ASP C 125 -2.64 -4.67 12.99
N SER C 126 -1.29 -4.56 12.85
CA SER C 126 -0.55 -5.02 11.66
C SER C 126 -0.72 -6.54 11.55
N PRO C 127 -1.00 -7.11 10.36
CA PRO C 127 -1.25 -8.58 10.29
C PRO C 127 -0.12 -9.54 10.69
N ASP C 128 1.12 -9.04 10.85
CA ASP C 128 2.29 -9.86 11.18
C ASP C 128 2.73 -9.82 12.67
N CYS C 129 2.01 -9.07 13.53
CA CYS C 129 2.31 -8.96 14.96
C CYS C 129 2.42 -10.30 15.68
N GLY C 130 1.47 -11.20 15.45
CA GLY C 130 1.45 -12.53 16.04
C GLY C 130 2.63 -13.39 15.63
N MET C 131 2.98 -13.34 14.32
CA MET C 131 4.14 -14.05 13.76
C MET C 131 5.49 -13.50 14.28
N ILE C 132 5.54 -12.17 14.62
CA ILE C 132 6.74 -11.53 15.15
C ILE C 132 7.08 -12.17 16.51
N ILE C 133 6.07 -12.29 17.41
CA ILE C 133 6.20 -12.89 18.75
C ILE C 133 6.64 -14.38 18.64
N LEU C 134 5.95 -15.15 17.79
CA LEU C 134 6.23 -16.57 17.60
C LEU C 134 7.65 -16.88 17.06
N CYS C 135 8.34 -15.88 16.49
CA CYS C 135 9.72 -15.95 15.98
C CYS C 135 10.68 -16.14 17.15
N ILE C 136 10.47 -15.38 18.26
CA ILE C 136 11.25 -15.49 19.50
C ILE C 136 11.09 -16.91 20.04
N ALA C 137 9.83 -17.43 20.06
CA ALA C 137 9.48 -18.79 20.48
C ALA C 137 10.32 -19.83 19.70
N ALA C 138 10.41 -19.68 18.35
CA ALA C 138 11.19 -20.57 17.47
C ALA C 138 12.65 -20.63 17.89
N LEU C 139 13.20 -19.46 18.37
CA LEU C 139 14.58 -19.34 18.85
C LEU C 139 14.72 -20.06 20.20
N VAL C 140 13.77 -19.83 21.13
CA VAL C 140 13.71 -20.46 22.46
C VAL C 140 13.63 -22.01 22.34
N ILE C 141 12.74 -22.54 21.47
CA ILE C 141 12.52 -23.99 21.23
C ILE C 141 13.82 -24.73 20.85
N THR C 142 14.69 -24.08 20.05
CA THR C 142 16.00 -24.62 19.63
C THR C 142 16.95 -24.81 20.84
N LYS C 143 16.77 -23.98 21.89
CA LYS C 143 17.61 -23.93 23.10
C LYS C 143 17.04 -24.63 24.36
N LEU C 144 15.84 -25.26 24.28
CA LEU C 144 15.23 -25.92 25.45
C LEU C 144 15.96 -27.19 25.94
N ALA C 145 16.56 -27.98 25.02
CA ALA C 145 17.25 -29.25 25.30
C ALA C 145 18.27 -29.20 26.45
N ALA C 146 18.93 -28.05 26.66
CA ALA C 146 19.95 -27.86 27.71
C ALA C 146 19.40 -27.99 29.14
N GLY C 147 18.08 -28.03 29.28
CA GLY C 147 17.37 -28.16 30.57
C GLY C 147 17.62 -27.02 31.54
N ASP C 148 17.85 -25.81 31.00
CA ASP C 148 18.13 -24.57 31.74
C ASP C 148 17.85 -23.34 30.85
N ARG C 149 18.41 -22.17 31.18
CA ARG C 149 18.18 -20.95 30.42
C ARG C 149 19.50 -20.28 29.96
N SER C 150 20.55 -21.11 29.79
CA SER C 150 21.88 -20.66 29.35
C SER C 150 21.91 -20.29 27.86
N GLY C 151 20.87 -20.71 27.14
CA GLY C 151 20.69 -20.44 25.72
C GLY C 151 20.10 -19.07 25.39
N LEU C 152 19.83 -18.22 26.43
CA LEU C 152 19.22 -16.89 26.35
C LEU C 152 20.10 -15.83 25.65
N THR C 153 21.41 -15.77 26.00
CA THR C 153 22.34 -14.81 25.40
C THR C 153 22.41 -14.98 23.87
N ALA C 154 22.35 -16.25 23.40
CA ALA C 154 22.33 -16.64 21.98
C ALA C 154 21.02 -16.23 21.31
N VAL C 155 19.89 -16.38 22.02
CA VAL C 155 18.54 -16.00 21.55
C VAL C 155 18.48 -14.49 21.27
N ILE C 156 18.95 -13.66 22.21
CA ILE C 156 18.99 -12.20 22.11
C ILE C 156 19.88 -11.79 20.95
N ARG C 157 21.04 -12.44 20.81
CA ARG C 157 22.02 -12.19 19.73
C ARG C 157 21.40 -12.44 18.36
N ARG C 158 20.71 -13.61 18.20
CA ARG C 158 20.03 -13.98 16.95
C ARG C 158 18.84 -13.07 16.65
N ALA C 159 18.00 -12.78 17.66
CA ALA C 159 16.82 -11.92 17.51
C ALA C 159 17.21 -10.53 17.02
N ASN C 160 18.27 -9.92 17.62
CA ASN C 160 18.78 -8.59 17.22
C ASN C 160 19.21 -8.56 15.74
N ASN C 161 19.75 -9.67 15.25
CA ASN C 161 20.19 -9.81 13.87
C ASN C 161 19.04 -10.11 12.89
N VAL C 162 18.29 -11.19 13.14
CA VAL C 162 17.20 -11.68 12.30
C VAL C 162 15.93 -10.77 12.35
N LEU C 163 15.63 -10.15 13.50
CA LEU C 163 14.45 -9.30 13.65
C LEU C 163 14.79 -7.80 13.71
N LYS C 164 15.87 -7.42 13.03
CA LYS C 164 16.41 -6.06 12.96
C LYS C 164 15.39 -5.01 12.50
N ASN C 165 14.65 -5.30 11.42
CA ASN C 165 13.60 -4.43 10.84
C ASN C 165 12.37 -4.31 11.72
N GLU C 166 11.97 -5.42 12.35
CA GLU C 166 10.78 -5.52 13.21
C GLU C 166 10.98 -4.75 14.51
N MET C 167 12.27 -4.74 14.98
CA MET C 167 12.71 -4.02 16.18
C MET C 167 12.71 -2.50 15.95
N LYS C 168 12.89 -2.08 14.68
CA LYS C 168 12.84 -0.66 14.28
C LYS C 168 11.38 -0.24 14.26
N ARG C 169 10.49 -1.16 13.88
CA ARG C 169 9.06 -0.91 13.84
C ARG C 169 8.40 -0.86 15.23
N TYR C 170 8.85 -1.68 16.22
CA TYR C 170 8.20 -1.80 17.52
C TYR C 170 9.09 -1.63 18.75
N LYS C 171 8.69 -0.68 19.62
CA LYS C 171 9.37 -0.35 20.88
C LYS C 171 9.20 -1.42 21.94
N GLY C 172 8.11 -2.18 21.88
CA GLY C 172 7.83 -3.30 22.76
C GLY C 172 8.46 -4.62 22.37
N LEU C 173 9.17 -4.68 21.21
CA LEU C 173 9.88 -5.91 20.79
C LEU C 173 11.22 -5.98 21.57
N LEU C 174 11.18 -6.57 22.77
CA LEU C 174 12.31 -6.67 23.69
C LEU C 174 12.64 -8.16 23.82
N PRO C 175 13.63 -8.64 23.03
CA PRO C 175 13.93 -10.08 22.98
C PRO C 175 14.17 -10.80 24.33
N LYS C 176 14.97 -10.22 25.26
CA LYS C 176 15.26 -10.84 26.56
C LYS C 176 13.97 -11.14 27.34
N ASP C 177 13.05 -10.16 27.42
CA ASP C 177 11.76 -10.28 28.12
C ASP C 177 10.81 -11.28 27.46
N ILE C 178 10.63 -11.20 26.13
CA ILE C 178 9.78 -12.12 25.35
C ILE C 178 10.32 -13.54 25.43
N ALA C 179 11.66 -13.71 25.35
CA ALA C 179 12.30 -15.03 25.44
C ALA C 179 12.14 -15.67 26.83
N ASN C 180 12.25 -14.87 27.90
CA ASN C 180 12.07 -15.35 29.27
C ASN C 180 10.63 -15.81 29.49
N SER C 181 9.66 -15.11 28.86
CA SER C 181 8.24 -15.45 28.90
C SER C 181 7.98 -16.82 28.27
N PHE C 182 8.63 -17.12 27.10
CA PHE C 182 8.52 -18.42 26.44
C PHE C 182 9.18 -19.54 27.21
N TYR C 183 10.37 -19.29 27.81
CA TYR C 183 11.09 -20.26 28.65
C TYR C 183 10.20 -20.70 29.79
N GLU C 184 9.55 -19.73 30.48
CA GLU C 184 8.63 -19.99 31.59
C GLU C 184 7.39 -20.80 31.17
N VAL C 185 6.72 -20.40 30.06
CA VAL C 185 5.51 -21.07 29.57
C VAL C 185 5.78 -22.52 29.09
N PHE C 186 6.97 -22.81 28.50
CA PHE C 186 7.31 -24.16 28.06
C PHE C 186 7.73 -25.05 29.23
N GLU C 187 8.28 -24.45 30.31
CA GLU C 187 8.68 -25.15 31.53
C GLU C 187 7.42 -25.46 32.37
N LYS C 188 6.55 -24.46 32.57
CA LYS C 188 5.31 -24.56 33.36
C LYS C 188 4.26 -25.43 32.65
N HIS C 189 4.06 -25.22 31.34
CA HIS C 189 3.07 -25.97 30.55
C HIS C 189 3.77 -26.67 29.39
N PRO C 190 4.39 -27.86 29.64
CA PRO C 190 5.13 -28.55 28.56
C PRO C 190 4.30 -29.00 27.35
N HIS C 191 2.95 -29.01 27.44
CA HIS C 191 2.06 -29.40 26.34
C HIS C 191 2.11 -28.41 25.19
N PHE C 192 2.49 -27.16 25.48
CA PHE C 192 2.64 -26.08 24.51
C PHE C 192 3.81 -26.34 23.53
N ILE C 193 4.83 -27.11 23.97
CA ILE C 193 5.98 -27.49 23.14
C ILE C 193 5.43 -28.30 21.96
N ASP C 194 4.52 -29.26 22.24
CA ASP C 194 3.88 -30.13 21.24
C ASP C 194 3.05 -29.31 20.25
N VAL C 195 2.26 -28.35 20.77
CA VAL C 195 1.40 -27.46 20.01
C VAL C 195 2.25 -26.61 19.04
N PHE C 196 3.30 -25.93 19.57
CA PHE C 196 4.22 -25.10 18.81
C PHE C 196 4.97 -25.87 17.70
N VAL C 197 5.44 -27.11 17.99
CA VAL C 197 6.17 -27.94 17.02
C VAL C 197 5.24 -28.27 15.86
N HIS C 198 4.00 -28.70 16.19
CA HIS C 198 2.96 -29.04 15.22
C HIS C 198 2.56 -27.81 14.43
N PHE C 199 2.55 -26.62 15.07
CA PHE C 199 2.22 -25.35 14.39
C PHE C 199 3.30 -24.93 13.39
N GLY C 200 4.55 -25.02 13.84
CA GLY C 200 5.75 -24.67 13.10
C GLY C 200 5.96 -25.50 11.85
N ILE C 201 5.62 -26.78 11.94
CA ILE C 201 5.73 -27.70 10.82
C ILE C 201 4.63 -27.41 9.76
N ALA C 202 3.39 -27.12 10.19
CA ALA C 202 2.28 -26.78 9.29
C ALA C 202 2.47 -25.41 8.64
N GLN C 203 3.09 -24.45 9.37
CA GLN C 203 3.41 -23.10 8.92
C GLN C 203 4.61 -23.08 7.93
N SER C 204 5.65 -23.88 8.19
CA SER C 204 6.85 -23.97 7.34
C SER C 204 6.55 -24.61 5.99
N SER C 205 5.56 -25.53 5.95
CA SER C 205 5.15 -26.23 4.73
C SER C 205 4.44 -25.31 3.72
N THR C 206 3.91 -24.15 4.20
CA THR C 206 3.28 -23.15 3.33
C THR C 206 4.37 -22.40 2.54
N ARG C 207 4.08 -22.16 1.26
CA ARG C 207 4.94 -21.46 0.31
C ARG C 207 4.40 -20.03 0.13
N GLY C 208 5.28 -19.07 -0.15
CA GLY C 208 4.89 -17.67 -0.29
C GLY C 208 4.47 -17.03 1.01
N GLY C 209 3.90 -15.83 0.91
CA GLY C 209 3.46 -15.07 2.08
C GLY C 209 4.34 -13.88 2.40
N SER C 210 4.04 -13.25 3.54
CA SER C 210 4.68 -12.08 4.16
C SER C 210 6.21 -12.30 4.42
N ARG C 211 6.98 -11.23 4.69
CA ARG C 211 8.41 -11.32 4.99
C ARG C 211 8.63 -12.05 6.34
N VAL C 212 7.82 -11.70 7.36
CA VAL C 212 7.87 -12.28 8.71
C VAL C 212 7.56 -13.79 8.65
N GLU C 213 6.56 -14.23 7.82
CA GLU C 213 6.21 -15.65 7.60
C GLU C 213 7.47 -16.43 7.11
N GLY C 214 8.25 -15.79 6.24
CA GLY C 214 9.51 -16.29 5.70
C GLY C 214 10.64 -16.36 6.72
N ILE C 215 10.71 -15.34 7.62
CA ILE C 215 11.68 -15.30 8.71
C ILE C 215 11.43 -16.50 9.66
N PHE C 216 10.15 -16.65 10.12
CA PHE C 216 9.73 -17.74 11.02
C PHE C 216 10.12 -19.14 10.49
N ALA C 217 9.71 -19.48 9.24
CA ALA C 217 9.95 -20.78 8.59
C ALA C 217 11.45 -21.08 8.60
N GLY C 218 12.25 -20.08 8.23
CA GLY C 218 13.71 -20.18 8.25
C GLY C 218 14.23 -20.49 9.64
N LEU C 219 13.71 -19.77 10.67
CA LEU C 219 14.12 -19.99 12.07
C LEU C 219 13.68 -21.35 12.58
N PHE C 220 12.45 -21.78 12.24
CA PHE C 220 11.91 -23.07 12.63
C PHE C 220 12.70 -24.26 12.04
N MET C 221 13.15 -24.15 10.79
CA MET C 221 13.93 -25.18 10.12
C MET C 221 15.34 -25.29 10.72
N ASN C 222 15.82 -24.21 11.39
CA ASN C 222 17.14 -24.16 12.04
C ASN C 222 17.21 -25.02 13.28
N ALA C 223 16.03 -25.36 13.86
CA ALA C 223 15.90 -26.23 15.03
C ALA C 223 16.14 -27.70 14.63
N TYR C 224 16.45 -27.94 13.33
CA TYR C 224 16.77 -29.23 12.69
C TYR C 224 18.10 -29.10 11.95
N GLY C 225 18.07 -28.44 10.78
CA GLY C 225 19.23 -28.24 9.91
C GLY C 225 19.73 -26.82 9.86
N LEU C 226 21.07 -26.66 10.02
CA LEU C 226 21.76 -25.38 10.05
C LEU C 226 22.45 -25.09 8.72
N SER D 5 6.29 -17.87 -13.50
CA SER D 5 7.54 -17.76 -12.75
C SER D 5 8.36 -16.53 -13.18
N ILE D 6 8.69 -15.64 -12.22
CA ILE D 6 9.50 -14.46 -12.50
C ILE D 6 10.97 -14.65 -12.03
N ASP D 7 11.93 -14.21 -12.86
CA ASP D 7 13.33 -14.25 -12.53
C ASP D 7 13.60 -13.09 -11.58
N THR D 8 14.18 -13.40 -10.40
CA THR D 8 14.48 -12.40 -9.38
C THR D 8 15.99 -12.41 -9.06
N PRO D 9 16.81 -11.74 -9.91
CA PRO D 9 18.27 -11.73 -9.65
C PRO D 9 18.62 -10.95 -8.37
N ASN D 10 19.61 -11.44 -7.63
CA ASN D 10 20.07 -10.76 -6.43
C ASN D 10 21.39 -9.99 -6.78
N TYR D 11 21.94 -9.31 -5.80
CA TYR D 11 23.16 -8.51 -5.92
C TYR D 11 24.36 -9.27 -6.47
N ASP D 12 24.44 -10.60 -6.25
CA ASP D 12 25.56 -11.45 -6.65
C ASP D 12 25.70 -11.68 -8.17
N VAL D 13 24.65 -11.40 -8.96
CA VAL D 13 24.72 -11.59 -10.42
C VAL D 13 24.72 -10.25 -11.18
N GLN D 14 24.81 -9.13 -10.44
CA GLN D 14 24.82 -7.75 -10.94
C GLN D 14 25.93 -7.51 -11.97
N LYS D 15 27.18 -7.88 -11.59
CA LYS D 15 28.39 -7.75 -12.42
C LYS D 15 28.25 -8.54 -13.74
N HIS D 16 27.59 -9.72 -13.71
CA HIS D 16 27.34 -10.55 -14.89
C HIS D 16 26.36 -9.87 -15.85
N ILE D 17 25.20 -9.39 -15.34
CA ILE D 17 24.17 -8.69 -16.11
C ILE D 17 24.72 -7.41 -16.75
N ASN D 18 25.63 -6.69 -16.02
CA ASN D 18 26.33 -5.50 -16.52
C ASN D 18 27.17 -5.82 -17.77
N LYS D 19 27.99 -6.90 -17.72
CA LYS D 19 28.83 -7.37 -18.83
C LYS D 19 27.97 -7.85 -20.03
N LEU D 20 26.76 -8.41 -19.77
CA LEU D 20 25.79 -8.83 -20.79
C LEU D 20 25.25 -7.61 -21.59
N CYS D 21 24.93 -6.48 -20.89
CA CYS D 21 24.52 -5.18 -21.48
C CYS D 21 25.68 -4.64 -22.38
N GLY D 22 26.87 -4.58 -21.80
CA GLY D 22 28.08 -4.13 -22.48
C GLY D 22 28.44 -4.95 -23.70
N MET D 23 28.08 -6.26 -23.70
CA MET D 23 28.30 -7.16 -24.83
C MET D 23 27.46 -6.72 -26.04
N LEU D 24 26.24 -6.21 -25.76
CA LEU D 24 25.33 -5.67 -26.74
C LEU D 24 25.74 -4.24 -27.14
N LEU D 25 26.34 -3.46 -26.22
CA LEU D 25 26.81 -2.10 -26.50
C LEU D 25 28.01 -2.07 -27.45
N ILE D 26 28.85 -3.12 -27.46
CA ILE D 26 30.00 -3.15 -28.38
C ILE D 26 29.66 -3.86 -29.71
N THR D 27 28.50 -4.55 -29.79
CA THR D 27 28.06 -5.23 -31.01
C THR D 27 27.60 -4.21 -32.09
N GLU D 28 28.18 -4.32 -33.30
CA GLU D 28 27.82 -3.52 -34.47
C GLU D 28 26.51 -4.10 -35.01
N ASP D 29 25.52 -3.24 -35.34
CA ASP D 29 24.18 -3.62 -35.84
C ASP D 29 23.56 -4.66 -34.89
N ALA D 30 23.60 -4.38 -33.57
CA ALA D 30 23.13 -5.29 -32.52
C ALA D 30 21.64 -5.55 -32.56
N ASN D 31 21.25 -6.83 -32.39
CA ASN D 31 19.86 -7.24 -32.30
C ASN D 31 19.44 -6.95 -30.86
N HIS D 32 18.63 -5.90 -30.66
CA HIS D 32 18.20 -5.46 -29.34
C HIS D 32 16.85 -6.06 -28.90
N LYS D 33 16.48 -7.25 -29.42
CA LYS D 33 15.24 -7.95 -29.10
C LYS D 33 15.04 -8.21 -27.59
N PHE D 34 16.12 -8.56 -26.90
CA PHE D 34 16.11 -8.89 -25.48
C PHE D 34 16.68 -7.82 -24.52
N THR D 35 17.09 -6.66 -25.05
CA THR D 35 17.71 -5.57 -24.28
C THR D 35 16.76 -5.03 -23.17
N GLY D 36 15.47 -4.95 -23.45
CA GLY D 36 14.47 -4.48 -22.48
C GLY D 36 14.39 -5.40 -21.27
N LEU D 37 14.42 -6.72 -21.51
CA LEU D 37 14.41 -7.76 -20.49
C LEU D 37 15.71 -7.72 -19.69
N ILE D 38 16.87 -7.70 -20.38
CA ILE D 38 18.20 -7.65 -19.77
C ILE D 38 18.37 -6.39 -18.91
N GLY D 39 17.85 -5.27 -19.40
CA GLY D 39 17.84 -3.99 -18.68
C GLY D 39 17.01 -4.07 -17.41
N MET D 40 15.84 -4.74 -17.50
CA MET D 40 14.94 -4.97 -16.36
C MET D 40 15.52 -5.93 -15.32
N LEU D 41 16.30 -6.92 -15.80
CA LEU D 41 17.01 -7.87 -14.96
C LEU D 41 18.15 -7.14 -14.22
N TYR D 42 18.83 -6.17 -14.87
CA TYR D 42 19.89 -5.37 -14.24
C TYR D 42 19.31 -4.54 -13.09
N ALA D 43 18.18 -3.87 -13.36
CA ALA D 43 17.45 -3.08 -12.36
C ALA D 43 17.03 -3.93 -11.14
N MET D 44 16.62 -5.19 -11.37
CA MET D 44 16.19 -6.13 -10.32
C MET D 44 17.36 -6.58 -9.45
N SER D 45 18.53 -6.84 -10.07
CA SER D 45 19.75 -7.21 -9.36
C SER D 45 20.22 -6.05 -8.45
N ARG D 46 19.97 -4.78 -8.86
CA ARG D 46 20.34 -3.56 -8.14
C ARG D 46 19.44 -3.36 -6.92
N LEU D 47 18.14 -3.69 -7.05
CA LEU D 47 17.17 -3.64 -5.95
C LEU D 47 17.38 -4.83 -5.01
N GLY D 48 17.82 -5.97 -5.57
CA GLY D 48 17.99 -7.22 -4.86
C GLY D 48 16.69 -8.01 -4.85
N ARG D 49 16.81 -9.33 -4.58
CA ARG D 49 15.69 -10.27 -4.56
C ARG D 49 14.55 -9.88 -3.58
N GLU D 50 14.89 -9.59 -2.31
CA GLU D 50 13.91 -9.25 -1.26
C GLU D 50 13.04 -8.04 -1.58
N ASP D 51 13.66 -6.95 -2.06
CA ASP D 51 12.97 -5.71 -2.41
C ASP D 51 12.05 -5.91 -3.63
N THR D 52 12.53 -6.63 -4.67
CA THR D 52 11.78 -6.94 -5.90
C THR D 52 10.50 -7.70 -5.58
N ILE D 53 10.62 -8.76 -4.76
CA ILE D 53 9.47 -9.56 -4.29
C ILE D 53 8.48 -8.68 -3.54
N LYS D 54 8.97 -7.88 -2.56
CA LYS D 54 8.13 -6.97 -1.79
C LYS D 54 7.33 -6.02 -2.70
N ILE D 55 8.02 -5.39 -3.69
CA ILE D 55 7.42 -4.44 -4.65
C ILE D 55 6.26 -5.12 -5.37
N LEU D 56 6.51 -6.29 -5.97
CA LEU D 56 5.54 -7.08 -6.73
C LEU D 56 4.33 -7.56 -5.93
N ARG D 57 4.57 -8.16 -4.76
CA ARG D 57 3.51 -8.66 -3.86
C ARG D 57 2.60 -7.51 -3.40
N ASP D 58 3.21 -6.39 -2.97
CA ASP D 58 2.49 -5.19 -2.49
C ASP D 58 1.66 -4.53 -3.58
N ALA D 59 2.11 -4.63 -4.83
CA ALA D 59 1.40 -4.08 -6.00
C ALA D 59 0.33 -5.07 -6.52
N GLY D 60 0.04 -6.12 -5.74
CA GLY D 60 -0.99 -7.11 -6.03
C GLY D 60 -0.69 -8.15 -7.10
N TYR D 61 0.61 -8.36 -7.45
CA TYR D 61 0.97 -9.38 -8.44
C TYR D 61 1.29 -10.70 -7.76
N HIS D 62 0.83 -11.82 -8.33
CA HIS D 62 1.14 -13.15 -7.79
C HIS D 62 2.40 -13.60 -8.50
N VAL D 63 3.52 -13.61 -7.76
CA VAL D 63 4.84 -13.92 -8.33
C VAL D 63 5.52 -15.13 -7.69
N LYS D 64 5.93 -16.07 -8.57
CA LYS D 64 6.65 -17.29 -8.27
C LYS D 64 8.15 -16.96 -8.50
N ALA D 65 8.91 -16.76 -7.42
CA ALA D 65 10.31 -16.37 -7.50
C ALA D 65 11.26 -17.48 -7.99
N ASN D 66 12.11 -17.13 -8.95
CA ASN D 66 13.11 -18.04 -9.52
C ASN D 66 14.52 -17.46 -9.26
N GLY D 67 15.33 -18.24 -8.54
CA GLY D 67 16.71 -17.91 -8.20
C GLY D 67 17.62 -17.94 -9.41
N VAL D 68 18.43 -16.86 -9.55
CA VAL D 68 19.35 -16.67 -10.66
C VAL D 68 20.77 -16.98 -10.19
N ASP D 69 21.39 -18.00 -10.80
CA ASP D 69 22.74 -18.44 -10.49
C ASP D 69 23.63 -18.38 -11.73
N VAL D 70 24.96 -18.38 -11.53
CA VAL D 70 25.96 -18.42 -12.61
C VAL D 70 26.31 -19.88 -12.87
N THR D 71 26.12 -20.31 -14.13
CA THR D 71 26.38 -21.66 -14.62
C THR D 71 27.47 -21.61 -15.70
N THR D 72 28.23 -22.69 -15.85
CA THR D 72 29.24 -22.85 -16.89
C THR D 72 28.69 -23.82 -17.93
N HIS D 73 28.64 -23.38 -19.20
CA HIS D 73 28.20 -24.20 -20.33
C HIS D 73 29.35 -24.39 -21.31
N ARG D 74 29.52 -25.63 -21.77
CA ARG D 74 30.56 -25.97 -22.75
C ARG D 74 29.92 -26.30 -24.09
N GLN D 75 30.35 -25.57 -25.12
CA GLN D 75 29.87 -25.69 -26.50
C GLN D 75 31.05 -25.62 -27.46
N ASP D 76 31.33 -26.71 -28.19
CA ASP D 76 32.44 -26.65 -29.15
C ASP D 76 31.97 -25.98 -30.46
N ILE D 77 32.85 -25.16 -31.05
CA ILE D 77 32.59 -24.42 -32.28
C ILE D 77 31.43 -23.44 -32.19
N MET D 82 34.44 -24.37 -26.53
CA MET D 82 34.38 -23.10 -25.81
C MET D 82 33.59 -23.18 -24.50
N LYS D 83 34.08 -22.44 -23.49
CA LYS D 83 33.48 -22.36 -22.16
C LYS D 83 32.77 -21.02 -22.02
N PHE D 84 31.46 -21.05 -21.70
CA PHE D 84 30.64 -19.84 -21.52
C PHE D 84 30.03 -19.76 -20.13
N GLU D 85 30.01 -18.56 -19.56
CA GLU D 85 29.39 -18.30 -18.26
C GLU D 85 28.01 -17.72 -18.55
N VAL D 86 26.97 -18.43 -18.09
CA VAL D 86 25.56 -18.09 -18.33
C VAL D 86 24.77 -17.97 -17.04
N LEU D 87 23.57 -17.39 -17.14
CA LEU D 87 22.65 -17.24 -16.02
C LEU D 87 21.45 -18.21 -16.12
N THR D 88 20.96 -18.68 -14.97
CA THR D 88 19.80 -19.57 -14.89
C THR D 88 18.52 -18.71 -14.93
N LEU D 89 18.13 -18.30 -16.15
CA LEU D 89 16.98 -17.44 -16.39
C LEU D 89 15.90 -18.21 -17.11
N ALA D 90 14.65 -18.08 -16.66
CA ALA D 90 13.49 -18.74 -17.29
C ALA D 90 13.01 -17.93 -18.50
N SER D 91 13.26 -16.61 -18.47
CA SER D 91 12.92 -15.63 -19.50
C SER D 91 13.95 -15.54 -20.64
N LEU D 92 15.17 -16.07 -20.42
CA LEU D 92 16.24 -16.01 -21.40
C LEU D 92 17.03 -17.34 -21.50
N THR D 93 16.94 -18.03 -22.65
CA THR D 93 17.62 -19.33 -22.86
C THR D 93 19.14 -19.25 -22.87
N THR D 94 19.80 -20.41 -22.66
CA THR D 94 21.25 -20.60 -22.68
C THR D 94 21.80 -20.29 -24.08
N GLU D 95 21.03 -20.67 -25.14
CA GLU D 95 21.35 -20.42 -26.55
C GLU D 95 21.36 -18.91 -26.87
N ILE D 96 20.35 -18.15 -26.41
CA ILE D 96 20.24 -16.70 -26.63
C ILE D 96 21.44 -15.97 -26.00
N GLN D 97 21.75 -16.32 -24.73
CA GLN D 97 22.86 -15.73 -23.98
C GLN D 97 24.21 -15.97 -24.64
N ILE D 98 24.45 -17.19 -25.12
CA ILE D 98 25.70 -17.62 -25.77
C ILE D 98 25.85 -16.96 -27.14
N ASN D 99 24.75 -16.80 -27.90
CA ASN D 99 24.82 -16.14 -29.21
C ASN D 99 25.12 -14.64 -29.07
N ILE D 100 24.73 -14.03 -27.91
CA ILE D 100 25.03 -12.64 -27.58
C ILE D 100 26.56 -12.51 -27.47
N GLU D 101 27.22 -13.44 -26.70
CA GLU D 101 28.68 -13.46 -26.50
C GLU D 101 29.44 -13.72 -27.81
N ILE D 102 28.96 -14.66 -28.65
CA ILE D 102 29.59 -15.01 -29.94
C ILE D 102 29.61 -13.78 -30.87
N GLU D 103 28.47 -13.07 -30.99
CA GLU D 103 28.34 -11.87 -31.82
C GLU D 103 29.22 -10.74 -31.30
N SER D 104 29.24 -10.59 -29.98
CA SER D 104 30.01 -9.60 -29.21
C SER D 104 31.52 -9.76 -29.49
N ARG D 105 32.05 -11.00 -29.32
CA ARG D 105 33.46 -11.39 -29.56
C ARG D 105 33.94 -11.07 -30.98
N LYS D 106 33.04 -11.16 -32.00
CA LYS D 106 33.34 -10.84 -33.39
C LYS D 106 33.60 -9.34 -33.53
N SER D 107 32.77 -8.51 -32.89
CA SER D 107 32.91 -7.06 -32.92
C SER D 107 34.16 -6.63 -32.13
N TYR D 108 34.45 -7.31 -31.00
CA TYR D 108 35.63 -7.04 -30.18
C TYR D 108 36.91 -7.31 -30.99
N LYS D 109 36.93 -8.41 -31.77
CA LYS D 109 38.04 -8.78 -32.65
C LYS D 109 38.28 -7.66 -33.69
N LYS D 110 37.18 -7.12 -34.27
CA LYS D 110 37.22 -6.02 -35.24
C LYS D 110 37.77 -4.75 -34.62
N MET D 111 37.38 -4.45 -33.37
CA MET D 111 37.84 -3.26 -32.61
C MET D 111 39.37 -3.32 -32.38
N LEU D 112 39.86 -4.50 -32.01
CA LEU D 112 41.28 -4.81 -31.75
C LEU D 112 42.13 -4.57 -32.98
N LYS D 113 41.59 -4.90 -34.17
CA LYS D 113 42.26 -4.71 -35.47
C LYS D 113 42.39 -3.22 -35.85
N GLU D 114 41.42 -2.40 -35.43
CA GLU D 114 41.32 -0.97 -35.71
C GLU D 114 42.06 -0.07 -34.71
N MET D 115 41.91 -0.29 -33.39
CA MET D 115 42.53 0.56 -32.36
C MET D 115 43.72 -0.07 -31.58
N GLY D 116 43.88 -1.38 -31.66
CA GLY D 116 44.84 -2.12 -30.87
C GLY D 116 44.11 -2.56 -29.60
N GLU D 117 44.82 -2.68 -28.46
CA GLU D 117 44.13 -3.06 -27.22
C GLU D 117 43.14 -1.91 -26.79
N VAL D 118 41.92 -2.33 -26.43
CA VAL D 118 40.72 -1.53 -26.12
C VAL D 118 40.77 -0.86 -24.73
N ALA D 119 40.55 0.45 -24.69
CA ALA D 119 40.51 1.28 -23.48
C ALA D 119 39.37 0.83 -22.56
N PRO D 120 39.52 0.94 -21.22
CA PRO D 120 38.43 0.46 -20.33
C PRO D 120 37.04 1.00 -20.61
N GLU D 121 36.90 2.28 -21.02
CA GLU D 121 35.61 2.91 -21.33
C GLU D 121 34.97 2.42 -22.66
N TYR D 122 35.73 1.67 -23.46
CA TYR D 122 35.25 1.14 -24.73
C TYR D 122 34.97 -0.35 -24.64
N ARG D 123 35.32 -0.95 -23.49
CA ARG D 123 35.13 -2.35 -23.21
C ARG D 123 33.71 -2.65 -22.76
N HIS D 124 33.24 -3.86 -23.10
CA HIS D 124 31.94 -4.42 -22.76
C HIS D 124 31.75 -4.59 -21.26
N ASP D 125 32.83 -4.66 -20.47
CA ASP D 125 32.76 -4.87 -19.02
C ASP D 125 32.97 -3.57 -18.20
N SER D 126 32.78 -2.41 -18.84
CA SER D 126 32.85 -1.11 -18.17
C SER D 126 31.75 -1.06 -17.08
N PRO D 127 32.01 -0.56 -15.85
CA PRO D 127 30.97 -0.62 -14.80
C PRO D 127 29.66 0.16 -15.03
N ASP D 128 29.60 1.03 -16.06
CA ASP D 128 28.44 1.87 -16.35
C ASP D 128 27.55 1.36 -17.50
N CYS D 129 27.86 0.18 -18.08
CA CYS D 129 27.10 -0.43 -19.19
C CYS D 129 25.60 -0.63 -18.90
N GLY D 130 25.25 -1.24 -17.75
CA GLY D 130 23.86 -1.46 -17.35
C GLY D 130 23.11 -0.14 -17.18
N MET D 131 23.77 0.85 -16.52
CA MET D 131 23.21 2.20 -16.32
C MET D 131 22.98 2.96 -17.64
N ILE D 132 23.80 2.67 -18.66
CA ILE D 132 23.66 3.27 -20.01
C ILE D 132 22.34 2.81 -20.61
N ILE D 133 22.04 1.50 -20.55
CA ILE D 133 20.78 0.89 -21.03
C ILE D 133 19.56 1.45 -20.27
N LEU D 134 19.66 1.59 -18.93
CA LEU D 134 18.56 2.07 -18.08
C LEU D 134 18.24 3.55 -18.27
N CYS D 135 19.13 4.30 -18.98
CA CYS D 135 18.93 5.71 -19.31
C CYS D 135 17.86 5.80 -20.37
N ILE D 136 17.89 4.88 -21.36
CA ILE D 136 16.89 4.81 -22.44
C ILE D 136 15.52 4.51 -21.82
N ALA D 137 15.45 3.53 -20.88
CA ALA D 137 14.24 3.15 -20.16
C ALA D 137 13.63 4.36 -19.45
N ALA D 138 14.49 5.20 -18.82
CA ALA D 138 14.11 6.43 -18.09
C ALA D 138 13.40 7.40 -19.05
N LEU D 139 13.85 7.46 -20.32
CA LEU D 139 13.27 8.30 -21.35
C LEU D 139 11.91 7.71 -21.78
N VAL D 140 11.83 6.37 -22.02
CA VAL D 140 10.61 5.61 -22.42
C VAL D 140 9.50 5.79 -21.38
N ILE D 141 9.83 5.59 -20.09
CA ILE D 141 8.93 5.67 -18.93
C ILE D 141 8.20 7.02 -18.85
N THR D 142 8.90 8.13 -19.19
CA THR D 142 8.33 9.50 -19.21
C THR D 142 7.24 9.63 -20.31
N LYS D 143 7.37 8.82 -21.38
CA LYS D 143 6.50 8.78 -22.55
C LYS D 143 5.32 7.75 -22.52
N LEU D 144 5.29 6.77 -21.58
CA LEU D 144 4.27 5.72 -21.54
C LEU D 144 2.83 6.23 -21.36
N ARG D 149 3.18 4.45 -28.86
CA ARG D 149 4.62 4.60 -29.07
C ARG D 149 4.97 5.89 -29.84
N SER D 150 4.10 6.92 -29.72
CA SER D 150 4.24 8.21 -30.38
C SER D 150 5.37 9.10 -29.82
N GLY D 151 5.80 8.81 -28.59
CA GLY D 151 6.88 9.54 -27.92
C GLY D 151 8.29 9.10 -28.31
N LEU D 152 8.39 8.07 -29.18
CA LEU D 152 9.66 7.49 -29.65
C LEU D 152 10.60 8.51 -30.34
N THR D 153 10.06 9.35 -31.24
CA THR D 153 10.85 10.37 -31.95
C THR D 153 11.52 11.34 -30.96
N ALA D 154 10.82 11.68 -29.87
CA ALA D 154 11.31 12.55 -28.78
C ALA D 154 12.39 11.84 -27.97
N VAL D 155 12.23 10.52 -27.71
CA VAL D 155 13.19 9.66 -26.99
C VAL D 155 14.54 9.63 -27.74
N ILE D 156 14.52 9.40 -29.06
CA ILE D 156 15.71 9.35 -29.93
C ILE D 156 16.39 10.73 -29.93
N ARG D 157 15.59 11.80 -30.04
CA ARG D 157 16.10 13.18 -30.03
C ARG D 157 16.85 13.48 -28.73
N ARG D 158 16.24 13.14 -27.58
CA ARG D 158 16.85 13.33 -26.26
C ARG D 158 18.09 12.45 -26.05
N ALA D 159 18.00 11.15 -26.41
CA ALA D 159 19.10 10.20 -26.28
C ALA D 159 20.33 10.67 -27.05
N ASN D 160 20.17 11.15 -28.31
CA ASN D 160 21.27 11.66 -29.14
C ASN D 160 21.99 12.85 -28.48
N ASN D 161 21.23 13.66 -27.75
CA ASN D 161 21.76 14.83 -27.06
C ASN D 161 22.41 14.47 -25.70
N VAL D 162 21.66 13.81 -24.83
CA VAL D 162 22.07 13.45 -23.47
C VAL D 162 23.12 12.31 -23.42
N LEU D 163 23.03 11.34 -24.36
CA LEU D 163 23.96 10.21 -24.40
C LEU D 163 24.98 10.31 -25.53
N LYS D 164 25.34 11.56 -25.89
CA LYS D 164 26.30 11.91 -26.95
C LYS D 164 27.67 11.24 -26.79
N ASN D 165 28.25 11.29 -25.58
CA ASN D 165 29.56 10.72 -25.23
C ASN D 165 29.54 9.21 -25.24
N GLU D 166 28.46 8.62 -24.71
CA GLU D 166 28.27 7.18 -24.59
C GLU D 166 28.09 6.53 -25.96
N MET D 167 27.43 7.26 -26.90
CA MET D 167 27.22 6.84 -28.29
C MET D 167 28.53 6.84 -29.08
N LYS D 168 29.51 7.69 -28.67
CA LYS D 168 30.84 7.73 -29.27
C LYS D 168 31.60 6.51 -28.77
N ARG D 169 31.36 6.12 -27.51
CA ARG D 169 31.99 4.96 -26.90
C ARG D 169 31.50 3.59 -27.42
N TYR D 170 30.18 3.46 -27.73
CA TYR D 170 29.57 2.19 -28.12
C TYR D 170 28.76 2.19 -29.43
N LYS D 171 29.18 1.30 -30.35
CA LYS D 171 28.57 1.07 -31.67
C LYS D 171 27.17 0.44 -31.56
N GLY D 172 26.94 -0.30 -30.48
CA GLY D 172 25.67 -0.95 -30.18
C GLY D 172 24.71 -0.09 -29.39
N LEU D 173 25.02 1.20 -29.18
CA LEU D 173 24.07 2.09 -28.50
C LEU D 173 23.18 2.70 -29.60
N LEU D 174 22.08 2.00 -29.92
CA LEU D 174 21.11 2.40 -30.95
C LEU D 174 19.79 2.79 -30.25
N PRO D 175 19.57 4.10 -29.98
CA PRO D 175 18.39 4.53 -29.21
C PRO D 175 17.02 4.02 -29.68
N LYS D 176 16.72 4.07 -30.99
CA LYS D 176 15.44 3.60 -31.55
C LYS D 176 15.18 2.13 -31.21
N ASP D 177 16.20 1.26 -31.40
CA ASP D 177 16.11 -0.18 -31.13
C ASP D 177 15.97 -0.52 -29.65
N ILE D 178 16.81 0.10 -28.78
CA ILE D 178 16.77 -0.09 -27.33
C ILE D 178 15.44 0.43 -26.77
N ALA D 179 14.96 1.60 -27.27
CA ALA D 179 13.68 2.17 -26.82
C ALA D 179 12.49 1.31 -27.20
N ASN D 180 12.49 0.72 -28.41
CA ASN D 180 11.42 -0.15 -28.87
C ASN D 180 11.35 -1.42 -28.01
N SER D 181 12.53 -1.94 -27.60
CA SER D 181 12.66 -3.10 -26.72
C SER D 181 11.99 -2.82 -25.36
N PHE D 182 12.20 -1.62 -24.78
CA PHE D 182 11.58 -1.21 -23.52
C PHE D 182 10.07 -1.03 -23.63
N TYR D 183 9.61 -0.42 -24.74
CA TYR D 183 8.18 -0.21 -25.02
C TYR D 183 7.44 -1.54 -25.02
N GLU D 184 8.02 -2.55 -25.71
CA GLU D 184 7.47 -3.89 -25.80
C GLU D 184 7.43 -4.60 -24.42
N VAL D 185 8.55 -4.54 -23.64
CA VAL D 185 8.64 -5.21 -22.32
C VAL D 185 7.67 -4.58 -21.28
N PHE D 186 7.43 -3.25 -21.34
CA PHE D 186 6.50 -2.58 -20.43
C PHE D 186 5.04 -2.84 -20.82
N GLU D 187 4.78 -3.10 -22.12
CA GLU D 187 3.44 -3.42 -22.64
C GLU D 187 3.11 -4.89 -22.34
N LYS D 188 4.06 -5.80 -22.62
CA LYS D 188 3.92 -7.25 -22.40
C LYS D 188 3.90 -7.60 -20.91
N HIS D 189 4.81 -7.01 -20.12
CA HIS D 189 4.91 -7.26 -18.69
C HIS D 189 4.77 -5.94 -17.92
N PRO D 190 3.52 -5.48 -17.66
CA PRO D 190 3.34 -4.17 -16.97
C PRO D 190 3.87 -4.06 -15.54
N HIS D 191 4.16 -5.21 -14.88
CA HIS D 191 4.71 -5.25 -13.52
C HIS D 191 6.13 -4.65 -13.45
N PHE D 192 6.85 -4.65 -14.60
CA PHE D 192 8.19 -4.10 -14.72
C PHE D 192 8.20 -2.58 -14.57
N ILE D 193 7.08 -1.91 -14.92
CA ILE D 193 6.93 -0.45 -14.78
C ILE D 193 7.08 -0.11 -13.29
N ASP D 194 6.39 -0.88 -12.42
CA ASP D 194 6.44 -0.72 -10.95
C ASP D 194 7.88 -0.92 -10.42
N VAL D 195 8.56 -1.98 -10.89
CA VAL D 195 9.93 -2.33 -10.53
C VAL D 195 10.90 -1.20 -10.91
N PHE D 196 10.84 -0.74 -12.19
CA PHE D 196 11.68 0.34 -12.69
C PHE D 196 11.48 1.69 -11.96
N VAL D 197 10.22 2.06 -11.65
CA VAL D 197 9.88 3.30 -10.94
C VAL D 197 10.52 3.28 -9.56
N HIS D 198 10.34 2.15 -8.84
CA HIS D 198 10.90 1.91 -7.51
C HIS D 198 12.44 1.90 -7.56
N PHE D 199 13.02 1.41 -8.69
CA PHE D 199 14.47 1.39 -8.87
C PHE D 199 15.05 2.81 -9.07
N GLY D 200 14.45 3.53 -10.00
CA GLY D 200 14.84 4.89 -10.37
C GLY D 200 14.76 5.87 -9.23
N ILE D 201 13.72 5.73 -8.34
CA ILE D 201 13.52 6.58 -7.16
C ILE D 201 14.64 6.34 -6.13
N ALA D 202 15.00 5.06 -5.89
CA ALA D 202 16.07 4.68 -4.95
C ALA D 202 17.44 5.09 -5.50
N GLN D 203 17.62 5.03 -6.83
CA GLN D 203 18.86 5.40 -7.54
C GLN D 203 19.07 6.92 -7.65
N SER D 204 18.02 7.71 -8.00
CA SER D 204 18.12 9.19 -8.16
C SER D 204 18.48 9.90 -6.85
N SER D 205 18.27 9.23 -5.71
CA SER D 205 18.66 9.70 -4.39
C SER D 205 19.80 8.79 -3.94
N THR D 206 21.02 9.08 -4.44
CA THR D 206 22.24 8.34 -4.09
C THR D 206 23.29 9.33 -3.62
N ARG D 207 23.34 10.50 -4.28
CA ARG D 207 24.22 11.61 -3.91
C ARG D 207 25.68 11.48 -4.28
N GLY D 208 26.04 10.32 -4.83
CA GLY D 208 27.38 10.00 -5.29
C GLY D 208 27.30 9.05 -6.46
N GLY D 209 28.39 8.95 -7.20
CA GLY D 209 28.47 8.07 -8.36
C GLY D 209 29.06 8.67 -9.61
N SER D 210 29.15 7.82 -10.65
CA SER D 210 29.71 8.09 -11.98
C SER D 210 28.92 9.12 -12.77
N ARG D 211 29.51 9.60 -13.90
CA ARG D 211 28.88 10.54 -14.82
C ARG D 211 27.52 10.04 -15.29
N VAL D 212 27.45 8.77 -15.73
CA VAL D 212 26.22 8.12 -16.21
C VAL D 212 25.17 8.00 -15.10
N GLU D 213 25.57 7.64 -13.84
CA GLU D 213 24.65 7.60 -12.67
C GLU D 213 23.97 8.98 -12.52
N GLY D 214 24.74 10.06 -12.75
CA GLY D 214 24.30 11.45 -12.73
C GLY D 214 23.39 11.79 -13.90
N ILE D 215 23.66 11.25 -15.10
CA ILE D 215 22.81 11.39 -16.29
C ILE D 215 21.43 10.72 -15.98
N PHE D 216 21.45 9.50 -15.39
CA PHE D 216 20.22 8.77 -15.01
C PHE D 216 19.33 9.57 -14.07
N ALA D 217 19.89 9.97 -12.91
CA ALA D 217 19.20 10.76 -11.89
C ALA D 217 18.52 11.97 -12.50
N GLY D 218 19.23 12.68 -13.38
CA GLY D 218 18.71 13.86 -14.08
C GLY D 218 17.55 13.52 -14.99
N LEU D 219 17.68 12.43 -15.80
CA LEU D 219 16.62 11.99 -16.72
C LEU D 219 15.39 11.50 -15.96
N PHE D 220 15.60 10.72 -14.87
CA PHE D 220 14.53 10.17 -14.05
C PHE D 220 13.71 11.27 -13.37
N MET D 221 14.37 12.33 -12.89
CA MET D 221 13.73 13.47 -12.24
C MET D 221 12.93 14.31 -13.23
N ASN D 222 13.23 14.19 -14.54
CA ASN D 222 12.55 14.92 -15.61
C ASN D 222 11.08 14.46 -15.82
N ALA D 223 10.23 14.81 -14.84
CA ALA D 223 8.77 14.60 -14.84
C ALA D 223 8.12 15.84 -15.50
N TYR D 224 8.81 17.02 -15.42
CA TYR D 224 8.46 18.31 -16.05
C TYR D 224 9.68 19.00 -16.68
N GLY D 225 10.82 18.92 -15.99
CA GLY D 225 12.13 19.46 -16.37
C GLY D 225 12.17 20.55 -17.41
S SO4 E . -2.24 29.96 25.34
O1 SO4 E . -3.49 29.38 24.85
O2 SO4 E . -1.11 29.36 24.64
O3 SO4 E . -2.26 31.41 25.10
O4 SO4 E . -2.12 29.70 26.78
N ASP F . -4.41 26.10 25.61
CA ASP F . -3.42 25.05 25.34
C ASP F . -2.82 25.11 23.92
O ASP F . -2.22 24.14 23.44
CB ASP F . -4.00 23.66 25.63
N PHE G . -2.96 26.29 23.25
CA PHE G . -2.47 26.59 21.90
C PHE G . -0.90 26.58 21.80
O PHE G . -0.24 27.15 22.68
CB PHE G . -3.07 27.92 21.39
CG PHE G . -2.94 28.12 19.89
CD1 PHE G . -3.88 27.58 19.03
CD2 PHE G . -1.85 28.80 19.37
CE1 PHE G . -3.74 27.74 17.64
CE2 PHE G . -1.71 28.95 17.98
CZ PHE G . -2.66 28.43 17.13
OXT PHE G . -0.35 26.01 20.82
S SO4 H . -34.40 14.43 -7.85
O1 SO4 H . -34.33 12.96 -8.04
O2 SO4 H . -35.51 14.93 -8.66
O3 SO4 H . -33.13 15.05 -8.28
O4 SO4 H . -34.64 14.72 -6.44
S SO4 I . -41.19 -23.49 -6.76
O1 SO4 I . -41.75 -24.83 -6.64
O2 SO4 I . -40.42 -23.45 -8.02
O3 SO4 I . -42.27 -22.49 -6.79
O4 SO4 I . -40.30 -23.19 -5.64
N ASP J . -30.50 15.35 -10.83
CA ASP J . -31.38 14.22 -11.13
C ASP J . -30.86 12.89 -10.56
O ASP J . -30.00 12.24 -11.16
CB ASP J . -31.67 14.10 -12.66
CG ASP J . -30.49 13.75 -13.55
OD1 ASP J . -29.41 14.39 -13.41
OD2 ASP J . -30.64 12.84 -14.40
N PHE K . -31.37 12.50 -9.39
CA PHE K . -30.99 11.23 -8.75
C PHE K . -31.82 10.12 -9.39
O PHE K . -33.07 10.22 -9.36
CB PHE K . -31.23 11.29 -7.22
CG PHE K . -30.66 10.11 -6.46
CD1 PHE K . -29.33 10.10 -6.05
CD2 PHE K . -31.46 9.02 -6.14
CE1 PHE K . -28.81 9.01 -5.35
CE2 PHE K . -30.93 7.93 -5.45
CZ PHE K . -29.61 7.93 -5.05
OXT PHE K . -31.24 9.18 -9.97
S SO4 L . 5.20 -7.83 2.99
O1 SO4 L . 6.18 -8.49 3.83
O2 SO4 L . 5.33 -8.31 1.61
O3 SO4 L . 3.84 -8.12 3.51
O4 SO4 L . 5.43 -6.38 3.05
S SO4 M . -9.64 6.62 19.70
O1 SO4 M . -9.97 5.26 19.25
O2 SO4 M . -8.20 6.75 19.96
O3 SO4 M . -10.03 7.57 18.65
O4 SO4 M . -10.37 6.88 20.92
S SO4 N . -20.24 -5.04 31.34
O1 SO4 N . -21.36 -5.85 31.82
O2 SO4 N . -19.00 -5.82 31.47
O3 SO4 N . -20.46 -4.66 29.94
O4 SO4 N . -20.13 -3.84 32.17
N ASP O . -10.15 5.34 16.47
CA ASP O . -8.94 5.26 15.67
C ASP O . -8.04 4.12 16.11
O ASP O . -7.58 3.36 15.25
CB ASP O . -8.16 6.59 15.65
CG ASP O . -6.72 6.48 15.18
OD1 ASP O . -6.50 6.03 14.03
OD2 ASP O . -5.80 6.81 15.97
N PHE P . -7.74 4.03 17.43
CA PHE P . -6.91 2.99 18.03
C PHE P . -7.58 1.63 17.76
O PHE P . -8.79 1.50 18.04
CB PHE P . -6.70 3.27 19.55
CG PHE P . -5.89 2.23 20.32
CD1 PHE P . -4.50 2.32 20.40
CD2 PHE P . -6.52 1.17 20.96
CE1 PHE P . -3.75 1.35 21.08
CE2 PHE P . -5.78 0.20 21.64
CZ PHE P . -4.40 0.30 21.71
OXT PHE P . -6.94 0.77 17.13
S SO4 Q . 40.10 -14.23 -25.45
O1 SO4 Q . 40.41 -12.83 -25.74
O2 SO4 Q . 39.67 -14.91 -26.68
O3 SO4 Q . 41.29 -14.89 -24.89
O4 SO4 Q . 39.03 -14.30 -24.45
N ASP R . 42.10 -8.99 -24.44
CA ASP R . 41.43 -10.13 -23.79
C ASP R . 39.97 -9.84 -23.54
O ASP R . 39.61 -8.81 -22.97
CB ASP R . 42.15 -10.55 -22.48
CG ASP R . 41.99 -9.56 -21.35
OD1 ASP R . 42.68 -8.52 -21.37
OD2 ASP R . 41.10 -9.78 -20.49
N PHE S . 39.11 -10.74 -23.99
CA PHE S . 37.68 -10.57 -23.86
C PHE S . 37.20 -10.94 -22.44
O PHE S . 37.61 -12.00 -21.92
CB PHE S . 36.96 -11.38 -24.96
CG PHE S . 35.50 -11.06 -25.10
CD1 PHE S . 35.08 -9.99 -25.89
CD2 PHE S . 34.53 -11.79 -24.43
CE1 PHE S . 33.73 -9.67 -26.01
CE2 PHE S . 33.19 -11.48 -24.55
CZ PHE S . 32.80 -10.42 -25.35
OXT PHE S . 36.46 -10.13 -21.82
#